data_8U0W
#
_entry.id   8U0W
#
_cell.length_a   1.00
_cell.length_b   1.00
_cell.length_c   1.00
_cell.angle_alpha   90.00
_cell.angle_beta   90.00
_cell.angle_gamma   90.00
#
_symmetry.space_group_name_H-M   'P 1'
#
loop_
_entity.id
_entity.type
_entity.pdbx_description
1 polymer 'Helicase/UvrB N-terminal domain-containing protein'
2 polymer "DNA (5'-D(P*TP*TP*AP*TP*TP*TP*TP*TP*TP*TP*TP*T)-3')"
#
loop_
_entity_poly.entity_id
_entity_poly.type
_entity_poly.pdbx_seq_one_letter_code
_entity_poly.pdbx_strand_id
1 'polypeptide(L)'
;MFMYSVFTCRYWRYIMVRLIKHQQLLGEYCMNVSIEEFTHFDFQLVPEPSPLDLVITESLKNHIEVNGVKSGALLPLPFQ
TGIGKTYTALNFLLQQMLEQVRSELKEENTGKKSKRLLYYVTDSVDNVVSAKADLLKLIEKQTVKGEPRFTLEQQEYLKA
QIVHLPNQSEQLLQCSDAVLNDVLIGFNLNAERDVQAEWSAISGLRRHASNPEVKISLNRQAGYFYRNLIDRLQKKQKGA
DRVLLSGSLLASVETLLPGEKIRNGSAHVAFLTTSKFLKGFHNTRSRYSPLRDLSGAVLIIDEIDKQNQVILSELCKQQA
QDLIWAIRTLRANFRDHQLESSPRYDKIEDLFEPLRERLEEFGTNWNLAFAFNTEGANLNERPVRLFSDRSFTHVSSATH
KLSLKSDFLRRKNLIFSDEKVEGSLIEKHGLLTRFVNEADVIYQWFLGTMRKAVFQYWENVRGLEIEVRENRSLEGTFQE
AVQSLLTHFNLQEFESAVYESFDTRGLRQSAGGKANKLSSSKSYHHTGLKLVEVAHNQGTRDTVNCKASFLNTSPSGVLA
DMVDAGAVILGISATARADTVIHNFDFKYLNERLGNKLLSLSREQKQRVNNYYHSRRNYKDNGVVLTVKYLNSRDAFLDA
LLEEYKPEARSSHFILNHYLGIAESEQAFVRSWLSKLLASIKAFISSPDNRYMLSLLNRTLDTTRQNINDFIQFCCDKWA
KEFNVKTKTFFGVNADWMRLVGYDEISKHLNTELGKVVVFSTYASMGAGKNPDYAVNLALEGESLISVADVTYSTQLRSD
IDSIYLEKPTQLLLSDDYSHTANQLCQFHQILSLQENGELSPKSAENWCRQQLMGMSRERSLQQYHQTSDYQSAVRKYIE
QAVGRAGRTSLKRKQILLFVDSGLKEILAEESRDPSLFSHEYVALVNKAKSAGKSIVEDRAVRRLFNLAQRNNKDGMLSI
KALVHRLHNQPASKSDIQEWQDIRTQLLRYPTVAFQPERFNRLYLQSMTKGYYRYQGNLDGDPNSFEFFDRVPYGDMVSE
EDCSLATLVQNQYVRPWFERKGFACSWQKEANVMTPIMFTNIYKGALGEQAVEAVLTAFDFTFEEVPNSIYERFDNRVIF
AGIEQPIWLDSKYWKHEGNESSEGYSSKIALVEEEFGPSKFIYVNALGDTSKPIRYLNSCFVETSPQLAKVIEIPALIDD
SNADTNRTAVQELIKWLHHS
;
A
2 'polydeoxyribonucleotide' (DT)(DT)(DA)(DT)(DT)(DT)(DT)(DT)(DT)(DT)(DT)(DT) C
#
loop_
_chem_comp.id
_chem_comp.type
_chem_comp.name
_chem_comp.formula
DA DNA linking 2'-DEOXYADENOSINE-5'-MONOPHOSPHATE 'C10 H14 N5 O6 P'
DT DNA linking THYMIDINE-5'-MONOPHOSPHATE 'C10 H15 N2 O8 P'
#
# COMPACT_ATOMS: atom_id res chain seq x y z
N ASN A 32 -43.64 10.85 -6.53
CA ASN A 32 -42.90 9.72 -5.99
C ASN A 32 -43.35 8.41 -6.63
N VAL A 33 -42.39 7.68 -7.19
CA VAL A 33 -42.68 6.44 -7.89
C VAL A 33 -42.00 5.29 -7.17
N SER A 34 -42.54 4.09 -7.37
CA SER A 34 -42.10 2.91 -6.64
C SER A 34 -41.42 1.93 -7.60
N ILE A 35 -40.94 0.82 -7.02
CA ILE A 35 -40.23 -0.19 -7.79
C ILE A 35 -41.19 -0.95 -8.69
N GLU A 36 -42.49 -0.79 -8.47
CA GLU A 36 -43.48 -1.45 -9.32
C GLU A 36 -43.44 -0.95 -10.75
N GLU A 37 -42.76 0.17 -11.01
CA GLU A 37 -42.68 0.71 -12.35
C GLU A 37 -41.90 -0.19 -13.30
N PHE A 38 -41.01 -1.04 -12.77
CA PHE A 38 -40.23 -1.95 -13.58
C PHE A 38 -40.95 -3.27 -13.82
N THR A 39 -42.28 -3.29 -13.74
CA THR A 39 -43.02 -4.54 -13.91
C THR A 39 -42.84 -5.11 -15.31
N HIS A 40 -43.08 -4.29 -16.33
CA HIS A 40 -43.00 -4.75 -17.72
C HIS A 40 -41.68 -4.36 -18.39
N PHE A 41 -40.78 -3.71 -17.66
CA PHE A 41 -39.45 -3.40 -18.17
C PHE A 41 -38.72 -4.71 -18.44
N ASP A 42 -38.09 -4.82 -19.61
CA ASP A 42 -37.45 -6.05 -20.02
C ASP A 42 -35.96 -5.95 -19.69
N PHE A 43 -35.51 -6.75 -18.73
CA PHE A 43 -34.13 -6.68 -18.28
C PHE A 43 -33.17 -7.35 -19.24
N GLN A 44 -33.66 -8.08 -20.24
CA GLN A 44 -32.81 -8.69 -21.25
C GLN A 44 -32.45 -7.74 -22.38
N LEU A 45 -33.14 -6.62 -22.51
CA LEU A 45 -32.84 -5.62 -23.53
C LEU A 45 -31.74 -4.71 -22.99
N VAL A 46 -30.49 -5.14 -23.22
CA VAL A 46 -29.31 -4.40 -22.80
C VAL A 46 -28.76 -3.69 -24.02
N PRO A 47 -28.15 -2.50 -23.89
CA PRO A 47 -27.47 -1.90 -25.04
C PRO A 47 -26.29 -2.76 -25.46
N GLU A 48 -25.99 -2.71 -26.75
CA GLU A 48 -24.90 -3.53 -27.28
C GLU A 48 -23.60 -3.17 -26.57
N PRO A 49 -22.91 -4.12 -25.97
CA PRO A 49 -21.75 -3.78 -25.13
C PRO A 49 -20.48 -3.64 -25.95
N SER A 50 -19.76 -2.56 -25.68
CA SER A 50 -18.46 -2.33 -26.31
C SER A 50 -17.42 -3.25 -25.69
N PRO A 51 -16.35 -3.56 -26.42
CA PRO A 51 -15.37 -4.53 -25.91
C PRO A 51 -14.77 -4.19 -24.57
N LEU A 52 -15.10 -3.04 -23.99
CA LEU A 52 -14.68 -2.74 -22.63
C LEU A 52 -15.73 -3.20 -21.61
N ASP A 53 -17.00 -3.29 -22.04
CA ASP A 53 -18.03 -3.84 -21.17
C ASP A 53 -17.95 -5.36 -21.12
N LEU A 54 -17.68 -6.00 -22.27
CA LEU A 54 -17.58 -7.44 -22.30
C LEU A 54 -16.40 -7.94 -21.46
N VAL A 55 -15.33 -7.15 -21.39
CA VAL A 55 -14.19 -7.56 -20.59
C VAL A 55 -14.55 -7.61 -19.11
N ILE A 56 -15.23 -6.58 -18.62
CA ILE A 56 -15.64 -6.56 -17.21
C ILE A 56 -16.64 -7.68 -16.93
N THR A 57 -17.63 -7.83 -17.82
CA THR A 57 -18.62 -8.88 -17.64
C THR A 57 -17.99 -10.25 -17.58
N GLU A 58 -17.10 -10.55 -18.53
CA GLU A 58 -16.46 -11.86 -18.57
C GLU A 58 -15.54 -12.07 -17.37
N SER A 59 -14.81 -11.05 -16.96
CA SER A 59 -13.91 -11.22 -15.83
C SER A 59 -14.67 -11.49 -14.55
N LEU A 60 -15.80 -10.80 -14.32
CA LEU A 60 -16.54 -11.06 -13.09
C LEU A 60 -17.32 -12.36 -13.16
N LYS A 61 -17.82 -12.73 -14.34
CA LYS A 61 -18.46 -14.04 -14.50
C LYS A 61 -17.48 -15.18 -14.25
N ASN A 62 -16.25 -15.02 -14.73
CA ASN A 62 -15.20 -15.99 -14.42
C ASN A 62 -14.86 -15.99 -12.94
N HIS A 63 -14.83 -14.81 -12.33
CA HIS A 63 -14.57 -14.70 -10.90
C HIS A 63 -15.58 -15.48 -10.08
N ILE A 64 -16.84 -15.46 -10.52
CA ILE A 64 -17.87 -16.21 -9.81
C ILE A 64 -17.57 -17.71 -9.83
N GLU A 65 -17.17 -18.22 -11.00
CA GLU A 65 -16.91 -19.65 -11.12
C GLU A 65 -15.70 -20.09 -10.30
N VAL A 66 -14.63 -19.29 -10.33
CA VAL A 66 -13.39 -19.67 -9.67
C VAL A 66 -13.46 -19.47 -8.17
N ASN A 67 -13.92 -18.31 -7.72
CA ASN A 67 -13.83 -17.92 -6.32
C ASN A 67 -15.13 -18.06 -5.54
N GLY A 68 -16.26 -18.12 -6.22
CA GLY A 68 -17.54 -18.24 -5.54
C GLY A 68 -18.29 -16.92 -5.45
N VAL A 69 -19.57 -17.03 -5.09
CA VAL A 69 -20.44 -15.87 -5.10
C VAL A 69 -20.08 -14.89 -3.98
N LYS A 70 -19.77 -15.41 -2.80
CA LYS A 70 -19.58 -14.55 -1.63
C LYS A 70 -18.16 -14.03 -1.49
N SER A 71 -17.29 -14.24 -2.45
CA SER A 71 -15.90 -13.83 -2.30
C SER A 71 -15.67 -12.47 -2.94
N GLY A 72 -14.75 -11.71 -2.38
CA GLY A 72 -14.37 -10.44 -2.95
C GLY A 72 -13.54 -10.61 -4.20
N ALA A 73 -13.09 -9.50 -4.73
CA ALA A 73 -12.23 -9.53 -5.90
C ALA A 73 -11.54 -8.18 -6.02
N LEU A 74 -10.54 -8.11 -6.89
CA LEU A 74 -9.89 -6.87 -7.25
C LEU A 74 -9.49 -6.96 -8.71
N LEU A 75 -10.23 -6.27 -9.57
CA LEU A 75 -10.01 -6.31 -11.02
C LEU A 75 -9.38 -4.98 -11.42
N PRO A 76 -8.06 -4.92 -11.56
CA PRO A 76 -7.43 -3.69 -12.07
C PRO A 76 -7.61 -3.60 -13.57
N LEU A 77 -8.20 -2.51 -14.02
CA LEU A 77 -8.55 -2.32 -15.42
C LEU A 77 -7.72 -1.19 -16.00
N PRO A 78 -6.74 -1.46 -16.87
CA PRO A 78 -5.95 -0.38 -17.45
C PRO A 78 -6.61 0.28 -18.66
N PHE A 79 -7.67 1.04 -18.42
CA PHE A 79 -8.38 1.70 -19.50
C PHE A 79 -7.87 3.12 -19.70
N GLN A 80 -7.56 3.47 -20.94
CA GLN A 80 -7.09 4.81 -21.25
C GLN A 80 -8.22 5.82 -21.08
N THR A 81 -7.89 6.96 -20.50
CA THR A 81 -8.83 8.06 -20.44
C THR A 81 -9.09 8.62 -21.84
N GLY A 82 -10.36 8.80 -22.16
CA GLY A 82 -10.72 9.42 -23.42
C GLY A 82 -11.33 8.48 -24.45
N ILE A 83 -11.18 7.17 -24.28
CA ILE A 83 -11.76 6.23 -25.23
C ILE A 83 -12.90 5.42 -24.63
N GLY A 84 -13.53 5.91 -23.56
CA GLY A 84 -14.69 5.25 -23.01
C GLY A 84 -14.47 4.74 -21.61
N LYS A 85 -13.55 5.36 -20.88
CA LYS A 85 -13.22 4.88 -19.54
C LYS A 85 -14.35 5.14 -18.55
N THR A 86 -15.09 6.23 -18.75
CA THR A 86 -16.10 6.61 -17.77
C THR A 86 -17.49 6.19 -18.21
N TYR A 87 -17.69 5.93 -19.50
CA TYR A 87 -18.97 5.39 -19.92
C TYR A 87 -19.09 3.92 -19.54
N THR A 88 -17.98 3.18 -19.65
CA THR A 88 -18.05 1.75 -19.36
C THR A 88 -17.97 1.48 -17.87
N ALA A 89 -17.72 2.52 -17.06
CA ALA A 89 -17.80 2.37 -15.62
C ALA A 89 -19.19 2.73 -15.12
N LEU A 90 -19.77 3.80 -15.64
CA LEU A 90 -21.11 4.18 -15.25
C LEU A 90 -22.16 3.26 -15.86
N ASN A 91 -21.91 2.69 -17.02
CA ASN A 91 -22.83 1.70 -17.56
C ASN A 91 -22.77 0.42 -16.74
N PHE A 92 -21.60 0.07 -16.23
CA PHE A 92 -21.50 -1.05 -15.31
C PHE A 92 -22.24 -0.78 -14.02
N LEU A 93 -22.14 0.45 -13.50
CA LEU A 93 -22.88 0.82 -12.31
C LEU A 93 -24.38 0.76 -12.56
N LEU A 94 -24.83 1.21 -13.73
CA LEU A 94 -26.25 1.17 -14.05
C LEU A 94 -26.74 -0.26 -14.20
N GLN A 95 -25.92 -1.14 -14.75
CA GLN A 95 -26.32 -2.54 -14.86
C GLN A 95 -26.37 -3.20 -13.49
N GLN A 96 -25.46 -2.83 -12.58
CA GLN A 96 -25.58 -3.33 -11.22
C GLN A 96 -26.82 -2.80 -10.52
N MET A 97 -27.17 -1.53 -10.75
CA MET A 97 -28.40 -0.98 -10.20
C MET A 97 -29.62 -1.73 -10.72
N LEU A 98 -29.64 -2.04 -12.02
CA LEU A 98 -30.78 -2.74 -12.59
C LEU A 98 -30.78 -4.22 -12.25
N GLU A 99 -29.65 -4.74 -11.77
CA GLU A 99 -29.64 -6.11 -11.27
C GLU A 99 -30.13 -6.18 -9.83
N GLN A 100 -30.42 -5.03 -9.22
CA GLN A 100 -31.01 -5.03 -7.88
C GLN A 100 -32.50 -4.79 -7.93
N VAL A 101 -32.99 -4.07 -8.96
CA VAL A 101 -34.42 -3.96 -9.16
C VAL A 101 -35.02 -5.34 -9.44
N ARG A 102 -34.34 -6.11 -10.29
CA ARG A 102 -34.79 -7.47 -10.59
C ARG A 102 -34.78 -8.34 -9.35
N SER A 103 -33.69 -8.28 -8.58
CA SER A 103 -33.59 -9.09 -7.37
C SER A 103 -34.65 -8.70 -6.36
N GLU A 104 -34.93 -7.41 -6.22
CA GLU A 104 -35.92 -6.98 -5.24
C GLU A 104 -37.33 -7.33 -5.69
N LEU A 105 -37.61 -7.25 -6.99
CA LEU A 105 -38.90 -7.71 -7.48
C LEU A 105 -39.09 -9.20 -7.26
N LYS A 106 -38.06 -10.00 -7.54
CA LYS A 106 -38.19 -11.44 -7.38
C LYS A 106 -38.27 -11.84 -5.91
N GLU A 107 -37.49 -11.19 -5.06
CA GLU A 107 -37.36 -11.57 -3.65
C GLU A 107 -38.21 -10.70 -2.73
N GLU A 108 -39.11 -9.88 -3.27
CA GLU A 108 -39.95 -9.06 -2.40
C GLU A 108 -40.90 -9.92 -1.57
N ASN A 109 -41.30 -11.09 -2.10
CA ASN A 109 -42.08 -12.02 -1.31
C ASN A 109 -41.29 -12.59 -0.15
N THR A 110 -40.03 -12.94 -0.37
CA THR A 110 -39.18 -13.50 0.67
C THR A 110 -38.79 -12.48 1.74
N GLY A 111 -38.62 -11.22 1.36
CA GLY A 111 -38.33 -10.17 2.32
C GLY A 111 -36.88 -10.05 2.76
N LYS A 112 -35.98 -10.87 2.20
CA LYS A 112 -34.56 -10.80 2.54
C LYS A 112 -33.93 -9.65 1.75
N LYS A 113 -34.24 -8.43 2.19
CA LYS A 113 -33.88 -7.22 1.44
C LYS A 113 -32.57 -6.63 1.92
N SER A 114 -31.51 -7.43 1.91
CA SER A 114 -30.15 -6.94 2.18
C SER A 114 -29.60 -6.34 0.90
N LYS A 115 -29.59 -5.01 0.85
CA LYS A 115 -29.21 -4.32 -0.37
C LYS A 115 -27.72 -4.46 -0.63
N ARG A 116 -27.37 -4.47 -1.93
CA ARG A 116 -25.99 -4.50 -2.39
C ARG A 116 -25.52 -3.06 -2.48
N LEU A 117 -24.49 -2.72 -1.72
CA LEU A 117 -24.01 -1.34 -1.69
C LEU A 117 -23.00 -1.11 -2.80
N LEU A 118 -23.37 -0.30 -3.79
CA LEU A 118 -22.51 0.08 -4.89
C LEU A 118 -21.85 1.41 -4.51
N TYR A 119 -20.53 1.48 -4.66
CA TYR A 119 -19.79 2.70 -4.39
C TYR A 119 -19.06 3.14 -5.63
N TYR A 120 -18.91 4.44 -5.80
CA TYR A 120 -18.00 4.99 -6.80
C TYR A 120 -17.09 5.99 -6.09
N VAL A 121 -15.84 5.60 -5.85
CA VAL A 121 -14.92 6.44 -5.10
C VAL A 121 -13.77 6.86 -6.00
N THR A 122 -13.40 8.13 -5.89
CA THR A 122 -12.20 8.67 -6.52
C THR A 122 -11.76 9.84 -5.65
N ASP A 123 -10.48 10.18 -5.75
CA ASP A 123 -9.88 11.06 -4.74
C ASP A 123 -10.31 12.51 -4.90
N SER A 124 -10.90 12.87 -6.04
CA SER A 124 -11.22 14.26 -6.33
C SER A 124 -12.71 14.53 -6.14
N VAL A 125 -13.02 15.60 -5.41
CA VAL A 125 -14.41 16.04 -5.30
C VAL A 125 -14.95 16.46 -6.66
N ASP A 126 -14.09 17.02 -7.51
CA ASP A 126 -14.54 17.48 -8.82
C ASP A 126 -14.82 16.32 -9.75
N ASN A 127 -14.28 15.14 -9.46
CA ASN A 127 -14.54 13.97 -10.28
C ASN A 127 -15.71 13.15 -9.76
N VAL A 128 -15.93 13.16 -8.44
CA VAL A 128 -17.09 12.49 -7.87
C VAL A 128 -18.38 13.16 -8.36
N VAL A 129 -18.42 14.49 -8.30
CA VAL A 129 -19.59 15.22 -8.77
C VAL A 129 -19.77 15.03 -10.27
N SER A 130 -18.67 15.08 -11.02
CA SER A 130 -18.73 14.91 -12.46
C SER A 130 -19.24 13.52 -12.83
N ALA A 131 -18.76 12.49 -12.14
CA ALA A 131 -19.22 11.14 -12.40
C ALA A 131 -20.69 10.97 -12.03
N LYS A 132 -21.12 11.57 -10.91
CA LYS A 132 -22.51 11.48 -10.51
C LYS A 132 -23.42 12.11 -11.56
N ALA A 133 -23.04 13.30 -12.03
CA ALA A 133 -23.85 13.98 -13.05
C ALA A 133 -23.83 13.23 -14.37
N ASP A 134 -22.69 12.62 -14.72
CA ASP A 134 -22.62 11.82 -15.93
C ASP A 134 -23.51 10.59 -15.86
N LEU A 135 -23.56 9.92 -14.72
CA LEU A 135 -24.48 8.80 -14.57
C LEU A 135 -25.93 9.27 -14.66
N LEU A 136 -26.26 10.40 -14.04
CA LEU A 136 -27.63 10.89 -14.10
C LEU A 136 -28.01 11.27 -15.53
N LYS A 137 -27.07 11.79 -16.30
CA LYS A 137 -27.35 12.07 -17.71
C LYS A 137 -27.41 10.78 -18.52
N LEU A 138 -26.69 9.74 -18.08
CA LEU A 138 -26.72 8.46 -18.78
C LEU A 138 -28.06 7.77 -18.59
N ILE A 139 -28.65 7.90 -17.40
CA ILE A 139 -29.97 7.34 -17.15
C ILE A 139 -31.00 7.99 -18.05
N GLU A 140 -30.95 9.32 -18.16
CA GLU A 140 -31.94 10.08 -18.93
C GLU A 140 -31.80 9.87 -20.42
N LYS A 141 -30.57 9.77 -20.92
CA LYS A 141 -30.32 9.80 -22.36
C LYS A 141 -30.08 8.42 -22.98
N GLN A 142 -29.95 7.37 -22.18
CA GLN A 142 -29.64 6.06 -22.75
C GLN A 142 -30.82 5.54 -23.55
N THR A 143 -30.52 4.93 -24.69
CA THR A 143 -31.54 4.36 -25.57
C THR A 143 -31.17 2.93 -25.91
N VAL A 144 -32.18 2.15 -26.30
CA VAL A 144 -31.98 0.78 -26.76
C VAL A 144 -32.74 0.60 -28.07
N LYS A 145 -32.01 0.23 -29.12
CA LYS A 145 -32.59 0.01 -30.45
C LYS A 145 -33.33 1.25 -30.94
N GLY A 146 -32.78 2.42 -30.62
CA GLY A 146 -33.35 3.69 -31.02
C GLY A 146 -34.49 4.20 -30.16
N GLU A 147 -34.91 3.44 -29.16
CA GLU A 147 -35.99 3.85 -28.27
C GLU A 147 -35.44 4.17 -26.89
N PRO A 148 -36.05 5.12 -26.18
CA PRO A 148 -35.59 5.43 -24.82
C PRO A 148 -35.67 4.19 -23.93
N ARG A 149 -34.63 3.99 -23.12
CA ARG A 149 -34.54 2.77 -22.34
C ARG A 149 -35.54 2.77 -21.20
N PHE A 150 -35.67 3.89 -20.50
CA PHE A 150 -36.53 3.99 -19.33
C PHE A 150 -37.67 4.96 -19.59
N THR A 151 -38.89 4.53 -19.30
CA THR A 151 -39.98 5.47 -19.19
C THR A 151 -39.70 6.42 -18.03
N LEU A 152 -40.31 7.61 -18.10
CA LEU A 152 -39.90 8.69 -17.20
C LEU A 152 -40.03 8.30 -15.74
N GLU A 153 -41.03 7.46 -15.41
CA GLU A 153 -41.17 7.01 -14.02
C GLU A 153 -39.96 6.19 -13.59
N GLN A 154 -39.41 5.37 -14.50
CA GLN A 154 -38.22 4.60 -14.17
C GLN A 154 -36.99 5.49 -14.09
N GLN A 155 -36.96 6.58 -14.87
CA GLN A 155 -35.87 7.53 -14.74
C GLN A 155 -35.88 8.19 -13.36
N GLU A 156 -37.06 8.55 -12.88
CA GLU A 156 -37.13 9.16 -11.55
C GLU A 156 -36.90 8.14 -10.44
N TYR A 157 -37.23 6.87 -10.68
CA TYR A 157 -36.92 5.85 -9.68
C TYR A 157 -35.43 5.65 -9.55
N LEU A 158 -34.72 5.51 -10.67
CA LEU A 158 -33.30 5.18 -10.63
C LEU A 158 -32.47 6.35 -10.14
N LYS A 159 -32.92 7.58 -10.40
CA LYS A 159 -32.17 8.74 -9.96
C LYS A 159 -32.39 9.04 -8.48
N ALA A 160 -33.40 8.43 -7.87
CA ALA A 160 -33.57 8.55 -6.44
C ALA A 160 -32.65 7.60 -5.68
N GLN A 161 -32.19 6.54 -6.33
CA GLN A 161 -31.31 5.57 -5.70
C GLN A 161 -29.89 6.09 -5.53
N ILE A 162 -29.52 7.15 -6.23
CA ILE A 162 -28.15 7.65 -6.25
C ILE A 162 -28.02 8.79 -5.26
N VAL A 163 -27.12 8.65 -4.29
CA VAL A 163 -26.85 9.70 -3.33
C VAL A 163 -25.39 10.12 -3.46
N HIS A 164 -25.15 11.42 -3.50
CA HIS A 164 -23.83 12.00 -3.48
C HIS A 164 -23.55 12.48 -2.07
N LEU A 165 -22.41 12.06 -1.51
CA LEU A 165 -22.07 12.29 -0.10
C LEU A 165 -20.89 13.24 -0.03
N PRO A 166 -21.12 14.55 -0.10
CA PRO A 166 -20.03 15.50 0.07
C PRO A 166 -19.69 15.68 1.53
N ASN A 167 -18.60 16.38 1.85
CA ASN A 167 -18.23 16.52 3.24
C ASN A 167 -19.29 17.34 3.98
N GLN A 168 -19.11 17.47 5.29
CA GLN A 168 -20.16 18.02 6.13
C GLN A 168 -20.48 19.47 5.77
N SER A 169 -19.46 20.26 5.48
CA SER A 169 -19.67 21.67 5.18
C SER A 169 -20.52 21.86 3.93
N GLU A 170 -20.11 21.24 2.81
CA GLU A 170 -20.87 21.36 1.57
C GLU A 170 -22.21 20.65 1.66
N GLN A 171 -22.32 19.65 2.53
CA GLN A 171 -23.61 19.00 2.74
C GLN A 171 -24.57 19.92 3.49
N LEU A 172 -24.04 20.78 4.36
CA LEU A 172 -24.90 21.74 5.04
C LEU A 172 -25.28 22.89 4.11
N LEU A 173 -24.30 23.47 3.42
CA LEU A 173 -24.61 24.56 2.50
C LEU A 173 -25.50 24.11 1.34
N GLN A 174 -25.51 22.82 1.01
CA GLN A 174 -26.46 22.34 0.02
C GLN A 174 -27.90 22.52 0.49
N CYS A 175 -28.11 22.55 1.80
CA CYS A 175 -29.45 22.55 2.36
C CYS A 175 -30.05 23.95 2.35
N SER A 176 -31.22 24.08 1.74
CA SER A 176 -31.91 25.36 1.74
C SER A 176 -32.43 25.68 3.13
N ASP A 177 -32.97 26.89 3.27
CA ASP A 177 -33.53 27.32 4.55
C ASP A 177 -34.71 26.47 4.97
N ALA A 178 -35.56 26.06 4.01
CA ALA A 178 -36.74 25.28 4.34
C ALA A 178 -36.38 23.93 4.94
N VAL A 179 -35.34 23.28 4.41
CA VAL A 179 -34.96 21.96 4.89
C VAL A 179 -34.53 22.02 6.35
N LEU A 180 -33.64 22.95 6.68
CA LEU A 180 -33.15 23.06 8.06
C LEU A 180 -34.23 23.60 8.99
N ASN A 181 -35.11 24.46 8.49
CA ASN A 181 -36.24 24.89 9.32
C ASN A 181 -37.13 23.71 9.68
N ASP A 182 -37.45 22.86 8.69
CA ASP A 182 -38.29 21.71 8.94
C ASP A 182 -37.62 20.72 9.87
N VAL A 183 -36.31 20.49 9.70
CA VAL A 183 -35.60 19.56 10.58
C VAL A 183 -35.56 20.11 12.00
N LEU A 184 -35.29 21.41 12.15
CA LEU A 184 -35.19 22.02 13.47
C LEU A 184 -36.54 21.99 14.18
N ILE A 185 -37.63 22.21 13.46
CA ILE A 185 -38.95 22.13 14.07
C ILE A 185 -39.29 20.68 14.41
N GLY A 186 -38.94 19.75 13.52
CA GLY A 186 -39.38 18.38 13.68
C GLY A 186 -38.75 17.69 14.89
N PHE A 187 -37.49 18.00 15.17
CA PHE A 187 -36.82 17.46 16.34
C PHE A 187 -36.91 18.37 17.55
N ASN A 188 -37.77 19.38 17.49
CA ASN A 188 -37.95 20.39 18.53
C ASN A 188 -36.67 21.15 18.84
N LEU A 189 -35.71 21.17 17.90
CA LEU A 189 -34.49 21.93 18.10
C LEU A 189 -34.65 23.39 17.74
N ASN A 190 -35.82 23.79 17.24
CA ASN A 190 -36.06 25.20 16.94
C ASN A 190 -36.15 26.05 18.20
N ALA A 191 -36.69 25.49 19.29
CA ALA A 191 -36.87 26.27 20.51
C ALA A 191 -35.56 26.56 21.23
N GLU A 192 -34.48 25.90 20.85
CA GLU A 192 -33.17 26.11 21.48
C GLU A 192 -32.51 27.32 20.82
N ARG A 193 -32.05 28.26 21.64
CA ARG A 193 -31.58 29.54 21.10
C ARG A 193 -30.19 29.44 20.49
N ASP A 194 -29.35 28.53 20.99
CA ASP A 194 -28.00 28.40 20.46
C ASP A 194 -28.00 27.89 19.02
N VAL A 195 -28.79 26.85 18.76
CA VAL A 195 -28.85 26.27 17.41
C VAL A 195 -29.39 27.30 16.44
N GLN A 196 -30.45 28.00 16.83
CA GLN A 196 -31.04 28.99 15.93
C GLN A 196 -30.12 30.20 15.74
N ALA A 197 -29.36 30.57 16.77
CA ALA A 197 -28.38 31.63 16.60
C ALA A 197 -27.32 31.25 15.58
N GLU A 198 -26.76 30.04 15.71
CA GLU A 198 -25.77 29.57 14.75
C GLU A 198 -26.36 29.48 13.34
N TRP A 199 -27.59 28.98 13.22
CA TRP A 199 -28.22 28.87 11.91
C TRP A 199 -28.48 30.24 11.29
N SER A 200 -28.90 31.22 12.10
CA SER A 200 -29.09 32.57 11.60
C SER A 200 -27.77 33.16 11.12
N ALA A 201 -26.69 32.94 11.86
CA ALA A 201 -25.38 33.43 11.43
C ALA A 201 -24.98 32.80 10.09
N ILE A 202 -25.22 31.49 9.95
CA ILE A 202 -24.86 30.80 8.71
C ILE A 202 -25.68 31.34 7.55
N SER A 203 -26.98 31.54 7.76
CA SER A 203 -27.83 32.09 6.70
C SER A 203 -27.35 33.48 6.29
N GLY A 204 -27.06 34.33 7.27
CA GLY A 204 -26.58 35.66 6.95
C GLY A 204 -25.28 35.66 6.17
N LEU A 205 -24.33 34.83 6.57
CA LEU A 205 -23.08 34.73 5.82
C LEU A 205 -23.31 34.19 4.42
N ARG A 206 -24.20 33.20 4.29
CA ARG A 206 -24.44 32.59 2.99
C ARG A 206 -25.21 33.50 2.04
N ARG A 207 -25.90 34.52 2.56
CA ARG A 207 -26.60 35.43 1.66
C ARG A 207 -25.68 36.13 0.68
N HIS A 208 -24.42 36.40 1.04
CA HIS A 208 -23.50 36.99 0.08
C HIS A 208 -22.36 36.04 -0.28
N ALA A 209 -21.58 35.62 0.72
CA ALA A 209 -20.48 34.67 0.53
C ALA A 209 -19.63 34.99 -0.71
N SER A 210 -19.01 36.16 -0.70
CA SER A 210 -18.28 36.61 -1.89
C SER A 210 -16.77 36.52 -1.70
N ASN A 211 -16.24 37.15 -0.66
CA ASN A 211 -14.80 37.20 -0.46
C ASN A 211 -14.27 35.82 -0.06
N PRO A 212 -13.05 35.46 -0.49
CA PRO A 212 -12.50 34.15 -0.09
C PRO A 212 -12.45 33.92 1.42
N GLU A 213 -12.07 34.94 2.20
CA GLU A 213 -12.06 34.77 3.65
C GLU A 213 -13.46 34.59 4.21
N VAL A 214 -14.44 35.30 3.64
CA VAL A 214 -15.82 35.12 4.04
C VAL A 214 -16.26 33.67 3.82
N LYS A 215 -15.90 33.11 2.65
CA LYS A 215 -16.33 31.76 2.34
C LYS A 215 -15.57 30.73 3.17
N ILE A 216 -14.32 31.01 3.54
CA ILE A 216 -13.59 30.11 4.43
C ILE A 216 -14.22 30.09 5.81
N SER A 217 -14.58 31.27 6.33
CA SER A 217 -15.27 31.32 7.62
C SER A 217 -16.62 30.62 7.54
N LEU A 218 -17.34 30.82 6.44
CA LEU A 218 -18.63 30.17 6.25
C LEU A 218 -18.49 28.65 6.20
N ASN A 219 -17.43 28.16 5.56
CA ASN A 219 -17.21 26.72 5.51
C ASN A 219 -16.89 26.16 6.89
N ARG A 220 -16.04 26.84 7.66
CA ARG A 220 -15.76 26.40 9.01
C ARG A 220 -17.04 26.36 9.84
N GLN A 221 -17.84 27.42 9.74
CA GLN A 221 -19.08 27.54 10.50
C GLN A 221 -20.07 26.45 10.12
N ALA A 222 -20.20 26.19 8.82
CA ALA A 222 -21.13 25.17 8.36
C ALA A 222 -20.69 23.79 8.83
N GLY A 223 -19.39 23.51 8.77
CA GLY A 223 -18.93 22.21 9.25
C GLY A 223 -19.24 22.01 10.71
N TYR A 224 -18.94 23.01 11.54
CA TYR A 224 -19.19 22.88 12.97
C TYR A 224 -20.68 22.76 13.29
N PHE A 225 -21.50 23.55 12.60
CA PHE A 225 -22.93 23.51 12.87
C PHE A 225 -23.54 22.18 12.43
N TYR A 226 -23.08 21.64 11.29
CA TYR A 226 -23.56 20.33 10.88
C TYR A 226 -23.15 19.27 11.88
N ARG A 227 -21.92 19.35 12.40
CA ARG A 227 -21.48 18.44 13.44
C ARG A 227 -22.42 18.48 14.65
N ASN A 228 -22.68 19.68 15.17
CA ASN A 228 -23.54 19.80 16.35
C ASN A 228 -24.96 19.35 16.07
N LEU A 229 -25.52 19.76 14.94
CA LEU A 229 -26.90 19.41 14.61
C LEU A 229 -27.06 17.91 14.49
N ILE A 230 -26.12 17.24 13.83
CA ILE A 230 -26.24 15.79 13.66
C ILE A 230 -25.99 15.08 14.99
N ASP A 231 -25.14 15.64 15.86
CA ASP A 231 -25.01 15.08 17.20
C ASP A 231 -26.34 15.12 17.95
N ARG A 232 -27.03 16.26 17.86
CA ARG A 232 -28.35 16.36 18.49
C ARG A 232 -29.35 15.40 17.88
N LEU A 233 -29.36 15.28 16.55
CA LEU A 233 -30.27 14.34 15.89
C LEU A 233 -30.01 12.91 16.33
N GLN A 234 -28.73 12.52 16.41
CA GLN A 234 -28.41 11.16 16.78
C GLN A 234 -28.79 10.88 18.23
N LYS A 235 -28.56 11.84 19.14
CA LYS A 235 -28.99 11.64 20.51
C LYS A 235 -30.51 11.56 20.63
N LYS A 236 -31.22 12.40 19.87
CA LYS A 236 -32.69 12.36 19.92
C LYS A 236 -33.23 11.03 19.41
N GLN A 237 -32.62 10.48 18.37
CA GLN A 237 -33.07 9.19 17.84
C GLN A 237 -32.65 8.02 18.71
N LYS A 238 -31.50 8.11 19.36
CA LYS A 238 -30.99 7.01 20.18
C LYS A 238 -31.85 6.76 21.42
N GLY A 239 -32.45 7.81 21.97
CA GLY A 239 -33.19 7.69 23.21
C GLY A 239 -34.49 6.93 23.04
N ALA A 240 -35.35 7.09 24.05
CA ALA A 240 -36.67 6.47 24.01
C ALA A 240 -37.69 7.40 23.36
N ASP A 241 -37.59 8.70 23.62
CA ASP A 241 -38.49 9.68 23.03
C ASP A 241 -38.01 10.05 21.62
N ARG A 242 -38.17 9.07 20.72
CA ARG A 242 -37.70 9.23 19.34
C ARG A 242 -38.67 10.05 18.52
N VAL A 243 -38.21 10.48 17.35
CA VAL A 243 -39.07 11.17 16.40
C VAL A 243 -39.44 10.22 15.27
N LEU A 244 -40.72 10.23 14.89
CA LEU A 244 -41.21 9.39 13.81
C LEU A 244 -41.02 10.13 12.48
N LEU A 245 -40.10 9.63 11.66
CA LEU A 245 -39.75 10.30 10.41
C LEU A 245 -40.60 9.76 9.26
N SER A 246 -41.44 10.61 8.71
CA SER A 246 -42.24 10.27 7.54
C SER A 246 -42.71 11.56 6.88
N GLY A 247 -42.84 11.52 5.56
CA GLY A 247 -43.31 12.70 4.85
C GLY A 247 -42.23 13.77 4.79
N SER A 248 -42.68 15.02 4.83
CA SER A 248 -41.79 16.15 4.57
C SER A 248 -40.62 16.19 5.55
N LEU A 249 -40.84 15.79 6.81
CA LEU A 249 -39.72 15.75 7.75
C LEU A 249 -38.69 14.72 7.33
N LEU A 250 -39.13 13.53 6.89
CA LEU A 250 -38.19 12.54 6.43
C LEU A 250 -37.45 13.02 5.19
N ALA A 251 -38.17 13.69 4.28
CA ALA A 251 -37.52 14.22 3.08
C ALA A 251 -36.47 15.27 3.45
N SER A 252 -36.77 16.11 4.44
CA SER A 252 -35.80 17.12 4.86
C SER A 252 -34.60 16.49 5.54
N VAL A 253 -34.82 15.44 6.34
CA VAL A 253 -33.70 14.74 6.97
C VAL A 253 -32.83 14.07 5.91
N GLU A 254 -33.46 13.46 4.90
CA GLU A 254 -32.75 12.79 3.82
C GLU A 254 -32.03 13.76 2.91
N THR A 255 -32.52 15.00 2.78
CA THR A 255 -31.76 16.04 2.10
C THR A 255 -30.59 16.51 2.93
N LEU A 256 -30.80 16.69 4.24
CA LEU A 256 -29.70 17.06 5.12
C LEU A 256 -28.71 15.91 5.29
N LEU A 257 -29.23 14.69 5.41
CA LEU A 257 -28.42 13.50 5.64
C LEU A 257 -28.68 12.52 4.50
N PRO A 258 -27.80 12.47 3.50
CA PRO A 258 -27.96 11.48 2.44
C PRO A 258 -27.64 10.08 2.92
N GLY A 259 -26.70 9.93 3.85
CA GLY A 259 -26.45 8.62 4.42
C GLY A 259 -27.66 8.02 5.08
N GLU A 260 -28.64 8.84 5.45
CA GLU A 260 -29.89 8.33 6.00
C GLU A 260 -30.61 7.46 4.99
N LYS A 261 -30.62 7.84 3.72
CA LYS A 261 -31.25 7.02 2.69
C LYS A 261 -30.58 5.67 2.60
N ILE A 262 -29.26 5.63 2.78
CA ILE A 262 -28.54 4.37 2.71
C ILE A 262 -28.94 3.45 3.86
N ARG A 263 -29.01 4.00 5.08
CA ARG A 263 -29.49 3.20 6.21
C ARG A 263 -30.96 2.86 6.06
N ASN A 264 -31.77 3.80 5.58
CA ASN A 264 -33.18 3.60 5.33
C ASN A 264 -33.44 2.45 4.36
N GLY A 265 -32.57 2.25 3.37
CA GLY A 265 -32.86 1.30 2.32
C GLY A 265 -33.46 1.92 1.08
N SER A 266 -33.24 3.22 0.88
CA SER A 266 -33.76 3.94 -0.27
C SER A 266 -32.66 4.40 -1.22
N ALA A 267 -31.46 3.84 -1.12
CA ALA A 267 -30.38 4.20 -2.01
C ALA A 267 -29.33 3.10 -2.02
N HIS A 268 -28.98 2.63 -3.22
CA HIS A 268 -27.86 1.72 -3.39
C HIS A 268 -26.54 2.47 -3.41
N VAL A 269 -26.47 3.49 -4.24
CA VAL A 269 -25.23 3.96 -4.85
C VAL A 269 -24.77 5.19 -4.09
N ALA A 270 -23.50 5.21 -3.71
CA ALA A 270 -22.89 6.33 -3.03
C ALA A 270 -21.74 6.85 -3.87
N PHE A 271 -21.75 8.15 -4.16
CA PHE A 271 -20.65 8.80 -4.86
C PHE A 271 -19.85 9.63 -3.86
N LEU A 272 -18.73 9.10 -3.41
CA LEU A 272 -17.99 9.75 -2.34
C LEU A 272 -16.50 9.53 -2.57
N THR A 273 -15.70 10.48 -2.13
CA THR A 273 -14.26 10.45 -2.36
C THR A 273 -13.61 9.33 -1.56
N THR A 274 -12.29 9.17 -1.76
CA THR A 274 -11.54 8.19 -0.97
C THR A 274 -11.47 8.60 0.49
N SER A 275 -11.18 9.88 0.74
CA SER A 275 -11.08 10.35 2.12
C SER A 275 -12.41 10.20 2.84
N LYS A 276 -13.51 10.56 2.16
CA LYS A 276 -14.83 10.39 2.75
C LYS A 276 -15.18 8.92 2.88
N PHE A 277 -14.62 8.07 2.02
CA PHE A 277 -14.86 6.64 2.14
C PHE A 277 -14.21 6.09 3.41
N LEU A 278 -13.00 6.54 3.72
CA LEU A 278 -12.31 6.05 4.90
C LEU A 278 -12.87 6.66 6.18
N LYS A 279 -13.26 7.94 6.14
CA LYS A 279 -13.87 8.57 7.31
C LYS A 279 -15.21 7.95 7.66
N GLY A 280 -16.10 7.81 6.69
CA GLY A 280 -17.46 7.38 6.94
C GLY A 280 -18.40 8.56 6.98
N PHE A 281 -19.67 8.29 6.73
CA PHE A 281 -20.67 9.34 6.63
C PHE A 281 -21.75 9.12 7.67
N HIS A 282 -22.53 10.16 7.92
CA HIS A 282 -23.50 10.17 9.01
C HIS A 282 -24.88 9.77 8.54
N ASN A 283 -25.62 9.15 9.44
CA ASN A 283 -27.04 8.89 9.33
C ASN A 283 -27.69 9.20 10.69
N THR A 284 -29.01 9.05 10.78
CA THR A 284 -29.72 9.56 11.94
C THR A 284 -29.52 8.74 13.20
N ARG A 285 -28.65 7.74 13.21
CA ARG A 285 -28.39 6.99 14.43
C ARG A 285 -26.93 6.73 14.72
N SER A 286 -26.04 6.85 13.73
CA SER A 286 -24.65 6.50 13.92
C SER A 286 -23.82 7.18 12.85
N ARG A 287 -22.53 6.89 12.86
CA ARG A 287 -21.64 7.28 11.76
C ARG A 287 -21.29 6.02 10.98
N TYR A 288 -21.96 5.81 9.85
CA TYR A 288 -21.77 4.58 9.12
C TYR A 288 -20.43 4.58 8.40
N SER A 289 -19.56 3.65 8.77
CA SER A 289 -18.25 3.52 8.17
C SER A 289 -18.29 2.41 7.13
N PRO A 290 -18.05 2.71 5.84
CA PRO A 290 -18.22 1.65 4.83
C PRO A 290 -17.15 0.57 4.89
N LEU A 291 -16.04 0.83 5.59
CA LEU A 291 -14.97 -0.15 5.67
C LEU A 291 -15.30 -1.33 6.56
N ARG A 292 -16.40 -1.30 7.30
CA ARG A 292 -16.76 -2.40 8.17
C ARG A 292 -17.93 -3.21 7.66
N ASP A 293 -18.61 -2.76 6.62
CA ASP A 293 -19.73 -3.50 6.06
C ASP A 293 -19.51 -3.72 4.57
N LEU A 294 -18.32 -4.20 4.21
CA LEU A 294 -17.96 -4.40 2.82
C LEU A 294 -18.52 -5.68 2.23
N SER A 295 -19.07 -6.57 3.06
CA SER A 295 -19.57 -7.84 2.55
C SER A 295 -20.68 -7.61 1.54
N GLY A 296 -20.41 -7.88 0.27
CA GLY A 296 -21.35 -7.63 -0.78
C GLY A 296 -21.12 -6.36 -1.57
N ALA A 297 -20.30 -5.43 -1.08
CA ALA A 297 -20.13 -4.16 -1.76
C ALA A 297 -19.48 -4.34 -3.13
N VAL A 298 -19.96 -3.58 -4.11
CA VAL A 298 -19.35 -3.47 -5.42
C VAL A 298 -18.76 -2.08 -5.53
N LEU A 299 -17.44 -1.99 -5.44
CA LEU A 299 -16.75 -0.71 -5.24
C LEU A 299 -15.94 -0.38 -6.49
N ILE A 300 -16.24 0.76 -7.11
CA ILE A 300 -15.52 1.22 -8.29
C ILE A 300 -14.56 2.32 -7.86
N ILE A 301 -13.26 2.05 -7.93
CA ILE A 301 -12.25 3.01 -7.53
C ILE A 301 -11.59 3.50 -8.80
N ASP A 302 -11.75 4.79 -9.10
CA ASP A 302 -11.26 5.38 -10.33
C ASP A 302 -9.91 6.03 -10.06
N GLU A 303 -8.96 5.80 -10.97
CA GLU A 303 -7.55 6.13 -10.74
C GLU A 303 -7.06 5.44 -9.47
N ILE A 304 -7.05 4.11 -9.51
CA ILE A 304 -6.82 3.35 -8.28
C ILE A 304 -5.39 3.50 -7.80
N ASP A 305 -4.43 3.59 -8.73
CA ASP A 305 -3.04 3.68 -8.33
C ASP A 305 -2.77 4.96 -7.54
N LYS A 306 -3.52 6.02 -7.82
CA LYS A 306 -3.37 7.25 -7.08
C LYS A 306 -3.87 7.12 -5.64
N GLN A 307 -4.73 6.14 -5.37
CA GLN A 307 -5.29 5.99 -4.03
C GLN A 307 -4.25 5.55 -3.01
N ASN A 308 -3.12 5.02 -3.45
CA ASN A 308 -2.08 4.61 -2.50
C ASN A 308 -1.59 5.81 -1.69
N GLN A 309 -1.29 6.90 -2.38
CA GLN A 309 -0.84 8.11 -1.69
C GLN A 309 -1.95 8.68 -0.81
N VAL A 310 -3.19 8.64 -1.27
CA VAL A 310 -4.30 9.17 -0.48
C VAL A 310 -4.48 8.36 0.79
N ILE A 311 -4.69 7.05 0.65
CA ILE A 311 -4.88 6.20 1.82
C ILE A 311 -3.68 6.29 2.74
N LEU A 312 -2.49 6.46 2.17
CA LEU A 312 -1.29 6.64 2.98
C LEU A 312 -1.37 7.93 3.78
N SER A 313 -1.90 8.99 3.17
CA SER A 313 -1.97 10.27 3.86
C SER A 313 -3.00 10.23 4.99
N GLU A 314 -4.07 9.45 4.84
CA GLU A 314 -4.95 9.29 6.00
C GLU A 314 -4.46 8.21 6.96
N LEU A 315 -3.45 7.42 6.60
CA LEU A 315 -2.89 6.49 7.57
C LEU A 315 -1.98 7.20 8.55
N CYS A 316 -1.23 8.18 8.10
CA CYS A 316 -0.29 8.92 8.94
C CYS A 316 -0.80 10.29 9.33
N LYS A 317 -2.11 10.50 9.36
CA LYS A 317 -2.71 11.69 9.94
C LYS A 317 -2.98 11.55 11.43
N GLN A 318 -2.60 10.43 12.04
CA GLN A 318 -2.86 10.19 13.44
C GLN A 318 -2.01 11.12 14.32
N GLN A 319 -2.28 11.08 15.62
CA GLN A 319 -1.59 11.92 16.59
C GLN A 319 -0.55 11.10 17.36
N ALA A 320 0.59 11.72 17.63
CA ALA A 320 1.66 11.10 18.41
C ALA A 320 1.20 10.97 19.85
N GLN A 321 0.82 9.76 20.25
CA GLN A 321 0.24 9.55 21.56
C GLN A 321 1.32 9.19 22.59
N ASP A 322 1.45 10.03 23.61
CA ASP A 322 2.53 9.92 24.58
C ASP A 322 2.38 8.62 25.37
N LEU A 323 3.51 8.08 25.84
CA LEU A 323 3.47 6.78 26.52
C LEU A 323 3.82 6.91 28.00
N ILE A 324 4.70 7.83 28.37
CA ILE A 324 5.03 8.02 29.78
C ILE A 324 3.80 8.48 30.55
N TRP A 325 3.05 9.42 29.99
CA TRP A 325 1.78 9.83 30.58
C TRP A 325 0.73 8.72 30.47
N ALA A 326 0.74 7.98 29.37
CA ALA A 326 -0.31 6.99 29.12
C ALA A 326 -0.31 5.89 30.16
N ILE A 327 0.86 5.43 30.59
CA ILE A 327 0.91 4.35 31.57
C ILE A 327 0.79 4.88 32.99
N ARG A 328 0.47 6.15 33.16
CA ARG A 328 -0.09 6.61 34.42
C ARG A 328 -1.59 6.36 34.46
N THR A 329 -2.15 5.85 33.35
CA THR A 329 -3.55 5.45 33.29
C THR A 329 -3.66 4.00 32.81
N GLU A 353 -8.84 -7.89 32.05
CA GLU A 353 -8.60 -8.06 33.49
C GLU A 353 -7.14 -8.42 33.81
N PRO A 354 -6.53 -9.37 33.07
CA PRO A 354 -5.10 -9.61 33.28
C PRO A 354 -4.23 -8.42 32.97
N LEU A 355 -4.72 -7.46 32.18
CA LEU A 355 -3.91 -6.30 31.84
C LEU A 355 -3.74 -5.35 33.02
N ARG A 356 -4.66 -5.38 33.98
CA ARG A 356 -4.46 -4.65 35.22
C ARG A 356 -3.28 -5.22 36.00
N GLU A 357 -3.22 -6.55 36.12
CA GLU A 357 -2.07 -7.19 36.75
C GLU A 357 -0.81 -6.95 35.94
N ARG A 358 -0.94 -6.82 34.63
CA ARG A 358 0.20 -6.49 33.78
C ARG A 358 0.71 -5.08 34.06
N LEU A 359 -0.19 -4.12 34.27
CA LEU A 359 0.23 -2.79 34.72
C LEU A 359 0.91 -2.85 36.09
N GLU A 360 0.37 -3.66 37.00
CA GLU A 360 1.00 -3.84 38.30
C GLU A 360 2.42 -4.39 38.13
N GLU A 361 2.59 -5.36 37.23
CA GLU A 361 3.89 -5.98 37.02
C GLU A 361 4.86 -5.01 36.33
N PHE A 362 4.32 -4.13 35.47
CA PHE A 362 5.14 -3.09 34.87
C PHE A 362 5.65 -2.12 35.94
N GLY A 363 4.76 -1.69 36.83
CA GLY A 363 5.21 -0.86 37.93
C GLY A 363 6.15 -1.60 38.86
N THR A 364 6.03 -2.92 38.92
CA THR A 364 6.94 -3.72 39.74
C THR A 364 8.34 -3.75 39.14
N ASN A 365 8.46 -4.06 37.85
CA ASN A 365 9.79 -4.26 37.26
C ASN A 365 10.43 -2.94 36.85
N TRP A 366 9.82 -2.22 35.91
CA TRP A 366 10.37 -0.97 35.44
C TRP A 366 10.18 0.18 36.42
N ASN A 367 9.61 -0.10 37.60
CA ASN A 367 9.52 0.86 38.70
C ASN A 367 8.80 2.13 38.25
N LEU A 368 7.53 1.96 37.88
CA LEU A 368 6.72 3.08 37.44
C LEU A 368 6.38 4.04 38.57
N ALA A 369 6.45 3.57 39.81
CA ALA A 369 6.16 4.45 40.94
C ALA A 369 7.12 5.62 41.01
N PHE A 370 8.32 5.46 40.46
CA PHE A 370 9.26 6.56 40.31
C PHE A 370 8.99 7.30 39.02
N ALA A 371 9.14 8.63 39.07
CA ALA A 371 9.01 9.43 37.86
C ALA A 371 10.18 9.15 36.92
N PHE A 372 9.89 9.05 35.62
CA PHE A 372 10.96 8.80 34.65
C PHE A 372 11.68 10.09 34.29
N ASN A 373 12.96 10.15 34.66
CA ASN A 373 13.81 11.29 34.34
C ASN A 373 14.98 10.79 33.51
N THR A 374 15.33 11.56 32.49
CA THR A 374 16.41 11.19 31.59
C THR A 374 17.66 11.99 31.95
N GLU A 375 18.80 11.30 31.91
CA GLU A 375 20.07 11.89 32.27
C GLU A 375 20.89 12.15 31.01
N GLY A 376 21.96 12.91 31.17
CA GLY A 376 22.81 13.26 30.05
C GLY A 376 22.54 14.65 29.51
N ALA A 377 22.57 14.80 28.20
CA ALA A 377 22.43 16.12 27.58
C ALA A 377 20.98 16.58 27.62
N ASN A 378 20.77 17.82 27.16
CA ASN A 378 19.43 18.38 27.01
C ASN A 378 18.85 17.84 25.71
N LEU A 379 17.85 16.96 25.83
CA LEU A 379 17.29 16.27 24.68
C LEU A 379 16.46 17.20 23.80
N ASN A 380 16.07 18.38 24.30
CA ASN A 380 15.18 19.26 23.55
C ASN A 380 15.86 19.95 22.37
N GLU A 381 17.19 20.01 22.34
CA GLU A 381 17.86 20.58 21.17
C GLU A 381 17.69 19.68 19.96
N ARG A 382 17.94 18.37 20.12
CA ARG A 382 17.69 17.37 19.11
C ARG A 382 17.18 16.14 19.83
N PRO A 383 15.93 15.74 19.62
CA PRO A 383 15.37 14.62 20.38
C PRO A 383 16.02 13.31 20.01
N VAL A 384 16.14 12.43 21.00
CA VAL A 384 16.60 11.08 20.74
C VAL A 384 15.44 10.24 20.23
N ARG A 385 15.60 9.64 19.06
CA ARG A 385 14.52 8.96 18.40
C ARG A 385 14.78 7.45 18.37
N LEU A 386 13.70 6.69 18.31
CA LEU A 386 13.75 5.26 18.09
C LEU A 386 12.82 4.91 16.95
N PHE A 387 13.33 4.17 15.98
CA PHE A 387 12.50 3.67 14.89
C PHE A 387 12.55 2.16 14.91
N SER A 388 11.46 1.54 14.49
CA SER A 388 11.40 0.10 14.42
C SER A 388 10.27 -0.32 13.50
N ASP A 389 10.62 -0.88 12.35
CA ASP A 389 9.71 -1.82 11.73
C ASP A 389 9.51 -2.94 12.74
N ARG A 390 8.31 -3.52 12.74
CA ARG A 390 8.02 -4.45 13.82
C ARG A 390 8.72 -5.78 13.64
N SER A 391 9.57 -5.92 12.62
CA SER A 391 10.40 -7.10 12.42
C SER A 391 11.73 -6.71 11.78
N PHE A 392 12.81 -7.10 12.45
CA PHE A 392 14.19 -7.25 11.98
C PHE A 392 14.91 -5.97 11.55
N THR A 393 14.26 -4.81 11.49
CA THR A 393 15.02 -3.59 11.21
C THR A 393 14.72 -2.53 12.26
N HIS A 394 15.71 -2.24 13.09
CA HIS A 394 15.56 -1.35 14.24
C HIS A 394 16.76 -0.42 14.26
N VAL A 395 16.49 0.89 14.26
CA VAL A 395 17.55 1.89 14.28
C VAL A 395 17.22 2.93 15.34
N SER A 396 18.22 3.73 15.70
CA SER A 396 18.05 4.78 16.69
C SER A 396 19.17 5.80 16.53
N SER A 397 18.96 6.99 17.09
CA SER A 397 19.96 8.04 17.02
C SER A 397 21.23 7.63 17.75
N ALA A 398 22.37 8.09 17.24
CA ALA A 398 23.66 7.53 17.57
C ALA A 398 23.92 7.48 19.07
N THR A 399 24.00 6.27 19.60
CA THR A 399 24.28 6.03 21.01
C THR A 399 24.56 4.55 21.20
N HIS A 400 25.31 4.24 22.25
CA HIS A 400 25.68 2.86 22.57
C HIS A 400 24.55 2.24 23.39
N LYS A 401 23.49 1.84 22.69
CA LYS A 401 22.37 1.08 23.22
C LYS A 401 21.51 1.90 24.18
N LEU A 402 21.97 3.11 24.53
CA LEU A 402 21.24 4.05 25.39
C LEU A 402 20.55 3.40 26.58
N LEU A 431 18.82 1.48 28.62
CA LEU A 431 17.72 0.54 28.56
C LEU A 431 16.48 1.17 27.92
N LEU A 432 16.67 2.36 27.34
CA LEU A 432 15.53 3.10 26.81
C LEU A 432 14.80 2.33 25.73
N THR A 433 15.54 1.60 24.90
CA THR A 433 14.89 0.86 23.83
C THR A 433 13.95 -0.19 24.37
N ARG A 434 14.39 -0.96 25.37
CA ARG A 434 13.51 -1.96 25.97
C ARG A 434 12.35 -1.31 26.71
N PHE A 435 12.62 -0.20 27.41
CA PHE A 435 11.55 0.51 28.11
C PHE A 435 10.47 0.96 27.14
N VAL A 436 10.86 1.61 26.05
CA VAL A 436 9.91 2.16 25.09
C VAL A 436 9.18 1.05 24.36
N ASN A 437 9.90 -0.02 24.00
CA ASN A 437 9.25 -1.15 23.35
C ASN A 437 8.25 -1.81 24.29
N GLU A 438 8.59 -1.93 25.59
CA GLU A 438 7.66 -2.53 26.54
C GLU A 438 6.42 -1.67 26.71
N ALA A 439 6.59 -0.35 26.81
CA ALA A 439 5.44 0.53 26.92
C ALA A 439 4.56 0.46 25.68
N ASP A 440 5.17 0.44 24.49
CA ASP A 440 4.39 0.36 23.27
C ASP A 440 3.69 -1.00 23.15
N VAL A 441 4.33 -2.06 23.65
CA VAL A 441 3.68 -3.36 23.68
C VAL A 441 2.47 -3.31 24.60
N ILE A 442 2.61 -2.65 25.75
CA ILE A 442 1.48 -2.46 26.65
C ILE A 442 0.34 -1.77 25.90
N TYR A 443 0.65 -0.70 25.19
CA TYR A 443 -0.38 0.11 24.53
C TYR A 443 -1.03 -0.66 23.39
N GLN A 444 -0.25 -1.35 22.56
CA GLN A 444 -0.82 -2.10 21.45
C GLN A 444 -1.66 -3.27 21.94
N TRP A 445 -1.20 -3.97 22.98
CA TRP A 445 -1.98 -5.05 23.56
C TRP A 445 -3.26 -4.52 24.20
N PHE A 446 -3.18 -3.31 24.75
CA PHE A 446 -4.36 -2.66 25.32
C PHE A 446 -5.41 -2.35 24.24
N LEU A 447 -4.96 -1.82 23.10
CA LEU A 447 -5.88 -1.56 21.99
C LEU A 447 -6.47 -2.85 21.44
N GLY A 448 -5.64 -3.89 21.30
CA GLY A 448 -6.16 -5.18 20.91
C GLY A 448 -7.16 -5.73 21.92
N THR A 449 -6.93 -5.44 23.20
CA THR A 449 -7.87 -5.84 24.24
C THR A 449 -9.22 -5.18 24.06
N MET A 450 -9.25 -3.88 23.74
CA MET A 450 -10.55 -3.28 23.44
C MET A 450 -11.19 -3.89 22.19
N ARG A 451 -10.39 -4.19 21.17
CA ARG A 451 -10.98 -4.81 19.98
C ARG A 451 -11.62 -6.16 20.32
N LYS A 452 -10.91 -6.99 21.08
CA LYS A 452 -11.45 -8.29 21.49
C LYS A 452 -12.67 -8.11 22.40
N ALA A 453 -12.65 -7.10 23.25
CA ALA A 453 -13.79 -6.85 24.13
C ALA A 453 -15.02 -6.45 23.33
N VAL A 454 -14.84 -5.65 22.28
CA VAL A 454 -15.96 -5.28 21.42
C VAL A 454 -16.53 -6.52 20.72
N PHE A 455 -15.63 -7.36 20.18
CA PHE A 455 -16.09 -8.59 19.56
C PHE A 455 -16.84 -9.48 20.54
N GLN A 456 -16.36 -9.58 21.78
CA GLN A 456 -17.06 -10.35 22.80
C GLN A 456 -18.42 -9.73 23.12
N TYR A 457 -18.48 -8.41 23.22
CA TYR A 457 -19.70 -7.72 23.60
C TYR A 457 -20.79 -7.92 22.55
N TRP A 458 -20.43 -7.83 21.27
CA TRP A 458 -21.43 -8.00 20.23
C TRP A 458 -21.95 -9.44 20.19
N LEU A 474 -26.25 -2.62 12.57
CA LEU A 474 -25.33 -3.27 13.49
C LEU A 474 -24.28 -2.28 14.00
N GLU A 475 -24.11 -1.19 13.23
CA GLU A 475 -23.19 -0.14 13.66
C GLU A 475 -23.64 0.46 14.99
N GLY A 476 -24.95 0.52 15.22
CA GLY A 476 -25.43 1.03 16.50
C GLY A 476 -24.96 0.20 17.67
N THR A 477 -25.10 -1.12 17.57
CA THR A 477 -24.62 -2.00 18.63
C THR A 477 -23.10 -1.95 18.75
N PHE A 478 -22.41 -1.88 17.61
CA PHE A 478 -20.95 -1.80 17.63
C PHE A 478 -20.47 -0.55 18.37
N GLN A 479 -21.05 0.60 18.02
CA GLN A 479 -20.64 1.86 18.65
C GLN A 479 -21.08 1.92 20.11
N GLU A 480 -22.23 1.32 20.43
CA GLU A 480 -22.64 1.24 21.82
C GLU A 480 -21.65 0.43 22.64
N ALA A 481 -21.20 -0.70 22.10
CA ALA A 481 -20.19 -1.51 22.78
C ALA A 481 -18.90 -0.72 22.96
N VAL A 482 -18.48 -0.01 21.92
CA VAL A 482 -17.23 0.76 22.00
C VAL A 482 -17.33 1.82 23.08
N GLN A 483 -18.47 2.52 23.14
CA GLN A 483 -18.63 3.58 24.14
C GLN A 483 -18.75 3.00 25.54
N SER A 484 -19.41 1.84 25.68
CA SER A 484 -19.64 1.29 27.01
C SER A 484 -18.37 0.72 27.61
N LEU A 485 -17.59 -0.04 26.83
CA LEU A 485 -16.44 -0.73 27.39
C LEU A 485 -15.40 0.25 27.92
N LEU A 486 -15.15 1.34 27.20
CA LEU A 486 -14.19 2.33 27.66
C LEU A 486 -14.69 3.09 28.88
N THR A 487 -16.00 3.05 29.14
CA THR A 487 -16.60 3.83 30.23
C THR A 487 -16.42 3.09 31.55
N HIS A 488 -15.25 3.29 32.15
CA HIS A 488 -14.99 2.83 33.52
C HIS A 488 -13.84 3.63 34.11
N PHE A 489 -13.52 3.29 35.36
CA PHE A 489 -12.83 4.24 36.25
C PHE A 489 -11.43 4.63 35.78
N ASN A 490 -10.63 3.68 35.31
CA ASN A 490 -9.24 4.02 35.00
C ASN A 490 -9.06 4.63 33.61
N LEU A 491 -10.08 4.59 32.76
CA LEU A 491 -9.98 5.14 31.41
C LEU A 491 -10.84 6.38 31.20
N GLN A 492 -11.18 7.11 32.26
CA GLN A 492 -12.07 8.25 32.13
C GLN A 492 -11.42 9.39 31.34
N GLU A 493 -10.09 9.51 31.41
CA GLU A 493 -9.35 10.58 30.75
C GLU A 493 -8.72 10.14 29.44
N PHE A 494 -9.13 9.00 28.90
CA PHE A 494 -8.44 8.41 27.75
C PHE A 494 -9.08 8.89 26.44
N GLU A 495 -8.50 8.46 25.32
CA GLU A 495 -8.81 9.04 24.03
C GLU A 495 -9.90 8.29 23.27
N SER A 496 -10.04 6.99 23.50
CA SER A 496 -11.06 6.17 22.82
C SER A 496 -10.87 6.15 21.30
N ALA A 497 -9.75 5.61 20.84
CA ALA A 497 -9.44 5.55 19.42
C ALA A 497 -9.76 4.19 18.80
N VAL A 498 -10.83 3.52 19.22
CA VAL A 498 -11.10 2.16 18.76
C VAL A 498 -11.49 2.15 17.28
N TYR A 499 -12.23 3.16 16.83
CA TYR A 499 -12.77 3.14 15.47
C TYR A 499 -11.67 3.20 14.43
N GLU A 500 -10.60 3.95 14.70
CA GLU A 500 -9.51 4.05 13.74
C GLU A 500 -8.81 2.71 13.55
N SER A 501 -8.86 1.84 14.56
CA SER A 501 -8.33 0.49 14.40
C SER A 501 -9.09 -0.32 13.36
N PHE A 502 -10.43 -0.24 13.38
CA PHE A 502 -11.22 -0.96 12.39
C PHE A 502 -11.16 -0.28 11.03
N ASP A 503 -10.92 1.03 10.99
CA ASP A 503 -10.62 1.69 9.73
C ASP A 503 -9.21 1.39 9.23
N THR A 504 -8.33 0.89 10.09
CA THR A 504 -6.94 0.63 9.74
C THR A 504 -6.48 -0.74 10.25
N ALA A 515 6.12 -8.10 13.09
CA ALA A 515 5.85 -8.56 14.45
C ALA A 515 5.21 -9.93 14.42
N ASN A 516 4.37 -10.17 13.42
CA ASN A 516 3.66 -11.43 13.33
C ASN A 516 4.65 -12.56 13.23
N LYS A 517 4.38 -13.63 13.98
CA LYS A 517 5.36 -14.69 14.17
C LYS A 517 5.61 -15.44 12.87
N LEU A 518 6.76 -16.12 12.82
CA LEU A 518 6.92 -17.17 11.83
C LEU A 518 5.89 -18.26 12.11
N SER A 519 5.57 -19.03 11.07
CA SER A 519 4.36 -19.84 10.95
C SER A 519 3.14 -18.99 10.62
N SER A 520 3.36 -17.79 10.11
CA SER A 520 2.32 -16.90 9.65
C SER A 520 2.87 -16.11 8.47
N SER A 521 1.97 -15.54 7.69
CA SER A 521 2.40 -14.70 6.58
C SER A 521 2.99 -13.41 7.13
N LYS A 522 4.31 -13.28 7.04
CA LYS A 522 5.02 -12.08 7.43
C LYS A 522 5.06 -11.13 6.25
N SER A 523 4.76 -9.86 6.51
CA SER A 523 4.96 -8.82 5.51
C SER A 523 4.90 -7.48 6.21
N TYR A 524 5.54 -6.48 5.60
CA TYR A 524 5.42 -5.13 6.16
C TYR A 524 4.03 -4.59 5.97
N HIS A 525 3.35 -5.03 4.91
CA HIS A 525 2.11 -4.39 4.52
C HIS A 525 0.97 -4.66 5.49
N HIS A 526 1.21 -5.43 6.53
CA HIS A 526 0.27 -5.52 7.64
C HIS A 526 0.93 -5.55 9.00
N THR A 527 2.23 -5.23 9.10
CA THR A 527 2.83 -5.00 10.41
C THR A 527 3.17 -3.53 10.63
N GLY A 528 3.36 -2.77 9.57
CA GLY A 528 3.58 -1.34 9.72
C GLY A 528 4.92 -1.02 10.35
N LEU A 529 4.98 0.17 10.93
CA LEU A 529 6.21 0.71 11.49
C LEU A 529 5.88 1.45 12.78
N LYS A 530 6.88 1.58 13.64
CA LYS A 530 6.73 2.26 14.92
C LYS A 530 7.84 3.28 15.08
N LEU A 531 7.48 4.53 15.31
CA LEU A 531 8.45 5.61 15.45
C LEU A 531 8.20 6.34 16.75
N VAL A 532 9.24 6.48 17.56
CA VAL A 532 9.15 7.05 18.90
C VAL A 532 10.14 8.21 19.01
N GLU A 533 9.66 9.34 19.53
CA GLU A 533 10.46 10.54 19.68
C GLU A 533 10.38 10.99 21.13
N VAL A 534 11.54 11.28 21.73
CA VAL A 534 11.65 11.55 23.15
C VAL A 534 12.21 12.95 23.36
N ALA A 535 11.52 13.75 24.16
CA ALA A 535 11.96 15.10 24.51
C ALA A 535 11.30 15.50 25.83
N HIS A 536 11.90 16.49 26.49
CA HIS A 536 11.35 16.95 27.76
C HIS A 536 10.00 17.60 27.55
N ASN A 537 9.06 17.30 28.44
CA ASN A 537 7.66 17.66 28.26
C ASN A 537 7.49 19.17 28.32
N GLN A 538 6.31 19.64 27.92
CA GLN A 538 6.01 21.06 27.92
C GLN A 538 6.15 21.64 29.32
N GLY A 539 7.13 22.53 29.49
CA GLY A 539 7.29 23.22 30.76
C GLY A 539 7.81 22.39 31.90
N THR A 540 8.49 21.28 31.61
CA THR A 540 9.11 20.46 32.63
C THR A 540 10.50 20.06 32.18
N ARG A 541 11.36 19.77 33.15
CA ARG A 541 12.70 19.25 32.88
C ARG A 541 12.98 17.94 33.58
N ASP A 542 12.31 17.66 34.70
CA ASP A 542 12.43 16.34 35.32
C ASP A 542 11.67 15.29 34.53
N THR A 543 10.48 15.64 34.05
CA THR A 543 9.65 14.71 33.31
C THR A 543 9.93 14.82 31.81
N VAL A 544 9.82 13.68 31.12
CA VAL A 544 10.09 13.56 29.69
C VAL A 544 8.90 12.85 29.08
N ASN A 545 8.77 12.93 27.75
CA ASN A 545 7.68 12.26 27.05
C ASN A 545 8.22 11.32 25.98
N CYS A 546 7.41 10.31 25.63
CA CYS A 546 7.72 9.37 24.55
C CYS A 546 6.60 9.46 23.53
N LYS A 547 6.72 10.38 22.60
CA LYS A 547 5.64 10.64 21.64
C LYS A 547 5.66 9.56 20.57
N ALA A 548 5.02 8.42 20.84
CA ALA A 548 5.00 7.30 19.93
C ALA A 548 3.92 7.46 18.87
N SER A 549 4.31 7.26 17.62
CA SER A 549 3.37 7.22 16.51
C SER A 549 3.75 6.07 15.59
N PHE A 550 2.75 5.47 14.95
CA PHE A 550 2.95 4.20 14.28
C PHE A 550 1.98 4.04 13.13
N LEU A 551 2.33 3.14 12.21
CA LEU A 551 1.43 2.63 11.19
C LEU A 551 1.17 1.16 11.49
N ASN A 552 -0.07 0.72 11.34
CA ASN A 552 -0.40 -0.68 11.55
C ASN A 552 -0.70 -1.42 10.26
N THR A 553 -0.74 -0.70 9.13
CA THR A 553 -0.87 -1.31 7.82
C THR A 553 -0.20 -0.39 6.81
N SER A 554 -0.17 -0.85 5.56
CA SER A 554 0.12 0.01 4.42
C SER A 554 -1.11 0.08 3.53
N PRO A 555 -1.17 1.05 2.62
CA PRO A 555 -2.35 1.13 1.75
C PRO A 555 -2.62 -0.15 0.96
N SER A 556 -1.58 -0.91 0.65
CA SER A 556 -1.79 -2.23 0.03
C SER A 556 -2.41 -3.21 1.02
N GLY A 557 -2.01 -3.13 2.29
CA GLY A 557 -2.66 -3.93 3.31
C GLY A 557 -4.12 -3.56 3.49
N VAL A 558 -4.43 -2.26 3.41
CA VAL A 558 -5.83 -1.82 3.50
C VAL A 558 -6.62 -2.32 2.31
N LEU A 559 -6.06 -2.23 1.11
CA LEU A 559 -6.78 -2.71 -0.06
C LEU A 559 -7.02 -4.21 0.00
N ALA A 560 -6.02 -4.97 0.45
CA ALA A 560 -6.20 -6.42 0.55
C ALA A 560 -7.17 -6.77 1.66
N ASP A 561 -7.23 -5.97 2.72
CA ASP A 561 -8.25 -6.18 3.75
C ASP A 561 -9.64 -5.91 3.21
N MET A 562 -9.78 -4.89 2.38
CA MET A 562 -11.08 -4.59 1.77
C MET A 562 -11.52 -5.71 0.85
N VAL A 563 -10.59 -6.27 0.07
CA VAL A 563 -10.94 -7.37 -0.84
C VAL A 563 -11.23 -8.65 -0.05
N ASP A 564 -10.47 -8.91 1.01
CA ASP A 564 -10.71 -10.11 1.80
C ASP A 564 -12.04 -10.05 2.52
N ALA A 565 -12.51 -8.83 2.82
CA ALA A 565 -13.75 -8.63 3.57
C ALA A 565 -14.99 -8.85 2.72
N GLY A 566 -14.88 -8.93 1.40
CA GLY A 566 -16.01 -9.21 0.55
C GLY A 566 -16.22 -8.21 -0.57
N ALA A 567 -15.54 -7.06 -0.55
CA ALA A 567 -15.78 -6.04 -1.55
C ALA A 567 -15.25 -6.47 -2.91
N VAL A 568 -16.05 -6.24 -3.96
CA VAL A 568 -15.62 -6.51 -5.32
C VAL A 568 -15.07 -5.22 -5.89
N ILE A 569 -13.79 -4.96 -5.64
CA ILE A 569 -13.16 -3.72 -6.06
C ILE A 569 -12.87 -3.79 -7.54
N LEU A 570 -13.11 -2.70 -8.25
CA LEU A 570 -12.92 -2.64 -9.69
C LEU A 570 -12.16 -1.36 -10.01
N GLY A 571 -10.83 -1.43 -9.95
CA GLY A 571 -10.00 -0.25 -10.08
C GLY A 571 -9.64 0.11 -11.50
N ILE A 572 -10.08 1.28 -11.97
CA ILE A 572 -9.93 1.70 -13.36
C ILE A 572 -8.91 2.82 -13.43
N SER A 573 -7.78 2.55 -14.07
CA SER A 573 -6.75 3.57 -14.26
C SER A 573 -5.84 3.13 -15.38
N ALA A 574 -5.42 4.09 -16.22
CA ALA A 574 -4.59 3.76 -17.38
C ALA A 574 -3.29 3.08 -16.97
N THR A 575 -2.77 3.40 -15.80
CA THR A 575 -1.55 2.79 -15.27
C THR A 575 -1.83 2.09 -13.94
N ALA A 576 -2.92 1.32 -13.88
CA ALA A 576 -3.34 0.71 -12.61
C ALA A 576 -2.32 -0.27 -12.09
N ARG A 577 -1.60 -0.94 -12.98
CA ARG A 577 -0.63 -1.96 -12.58
C ARG A 577 0.79 -1.49 -12.85
N ALA A 578 1.06 -0.20 -12.66
CA ALA A 578 2.41 0.32 -12.80
C ALA A 578 3.33 -0.38 -11.81
N ASP A 579 4.54 -0.68 -12.26
CA ASP A 579 5.38 -1.60 -11.52
C ASP A 579 6.16 -0.90 -10.40
N THR A 580 5.67 0.24 -9.92
CA THR A 580 6.23 0.87 -8.74
C THR A 580 5.43 0.50 -7.50
N VAL A 581 6.04 0.73 -6.33
CA VAL A 581 5.42 0.43 -5.05
C VAL A 581 5.27 1.68 -4.19
N ILE A 582 5.77 2.82 -4.66
CA ILE A 582 5.59 4.09 -3.98
C ILE A 582 4.49 4.92 -4.61
N HIS A 583 4.36 4.86 -5.93
CA HIS A 583 3.28 5.53 -6.63
C HIS A 583 2.20 4.58 -7.10
N ASN A 584 1.99 3.49 -6.37
CA ASN A 584 1.02 2.46 -6.72
C ASN A 584 1.03 1.41 -5.62
N PHE A 585 0.01 0.56 -5.60
CA PHE A 585 -0.05 -0.50 -4.62
C PHE A 585 0.97 -1.59 -4.92
N ASP A 586 1.34 -2.34 -3.91
CA ASP A 586 2.26 -3.47 -4.06
C ASP A 586 1.46 -4.62 -4.63
N PHE A 587 1.54 -4.81 -5.95
CA PHE A 587 0.80 -5.89 -6.57
C PHE A 587 1.55 -7.20 -6.53
N LYS A 588 2.69 -7.25 -5.85
CA LYS A 588 3.34 -8.51 -5.54
C LYS A 588 2.87 -9.02 -4.18
N TYR A 589 2.53 -8.10 -3.28
CA TYR A 589 1.88 -8.47 -2.03
C TYR A 589 0.42 -8.83 -2.28
N LEU A 590 -0.27 -8.06 -3.11
CA LEU A 590 -1.68 -8.33 -3.38
C LEU A 590 -1.85 -9.65 -4.11
N ASN A 591 -0.88 -10.04 -4.93
CA ASN A 591 -0.97 -11.33 -5.60
C ASN A 591 -0.64 -12.46 -4.63
N GLU A 592 0.33 -12.24 -3.75
CA GLU A 592 0.64 -13.22 -2.72
C GLU A 592 -0.53 -13.39 -1.76
N ARG A 593 -1.02 -12.28 -1.21
CA ARG A 593 -2.08 -12.34 -0.19
C ARG A 593 -3.41 -12.78 -0.77
N LEU A 594 -3.94 -12.03 -1.74
CA LEU A 594 -5.23 -12.34 -2.33
C LEU A 594 -5.23 -13.61 -3.15
N GLY A 595 -4.17 -13.87 -3.91
CA GLY A 595 -4.12 -15.10 -4.66
C GLY A 595 -4.85 -14.97 -5.97
N ASN A 596 -5.88 -15.77 -6.15
CA ASN A 596 -6.69 -15.60 -7.35
C ASN A 596 -7.99 -14.85 -7.09
N LYS A 597 -8.04 -14.08 -6.00
CA LYS A 597 -9.02 -13.01 -5.87
C LYS A 597 -8.49 -11.69 -6.39
N LEU A 598 -7.25 -11.67 -6.87
CA LEU A 598 -6.72 -10.54 -7.63
C LEU A 598 -6.91 -10.87 -9.10
N LEU A 599 -8.05 -10.47 -9.65
CA LEU A 599 -8.40 -10.84 -11.01
C LEU A 599 -7.50 -10.13 -12.00
N SER A 600 -7.46 -10.68 -13.21
CA SER A 600 -6.71 -10.09 -14.29
C SER A 600 -7.37 -10.49 -15.60
N LEU A 601 -7.30 -9.60 -16.58
CA LEU A 601 -7.88 -9.88 -17.88
C LEU A 601 -6.87 -10.58 -18.77
N SER A 602 -7.33 -11.59 -19.49
CA SER A 602 -6.43 -12.53 -20.13
C SER A 602 -5.79 -11.92 -21.38
N ARG A 603 -5.03 -12.75 -22.09
CA ARG A 603 -4.37 -12.30 -23.30
C ARG A 603 -5.36 -12.02 -24.42
N GLU A 604 -6.36 -12.88 -24.58
CA GLU A 604 -7.39 -12.64 -25.57
C GLU A 604 -8.16 -11.36 -25.29
N GLN A 605 -8.46 -11.10 -24.01
CA GLN A 605 -9.18 -9.88 -23.66
C GLN A 605 -8.30 -8.66 -23.84
N LYS A 606 -7.01 -8.78 -23.55
CA LYS A 606 -6.11 -7.66 -23.81
C LYS A 606 -6.04 -7.32 -25.29
N GLN A 607 -5.95 -8.33 -26.16
CA GLN A 607 -5.87 -7.99 -27.57
C GLN A 607 -7.22 -7.55 -28.12
N ARG A 608 -8.33 -7.95 -27.48
CA ARG A 608 -9.63 -7.42 -27.89
C ARG A 608 -9.79 -5.96 -27.49
N VAL A 609 -9.37 -5.60 -26.28
CA VAL A 609 -9.34 -4.19 -25.89
C VAL A 609 -8.43 -3.41 -26.83
N ASN A 610 -7.30 -4.00 -27.20
CA ASN A 610 -6.37 -3.33 -28.11
C ASN A 610 -7.00 -3.09 -29.47
N ASN A 611 -7.73 -4.08 -30.00
CA ASN A 611 -8.42 -3.87 -31.26
C ASN A 611 -9.45 -2.76 -31.14
N TYR A 612 -10.17 -2.71 -30.01
CA TYR A 612 -11.14 -1.63 -29.81
C TYR A 612 -10.45 -0.27 -29.82
N TYR A 613 -9.36 -0.14 -29.08
CA TYR A 613 -8.66 1.13 -28.96
C TYR A 613 -8.08 1.57 -30.30
N HIS A 614 -7.53 0.63 -31.07
CA HIS A 614 -7.07 0.97 -32.42
C HIS A 614 -8.23 1.33 -33.32
N SER A 615 -9.40 0.75 -33.10
CA SER A 615 -10.55 1.11 -33.92
C SER A 615 -11.04 2.52 -33.64
N ARG A 616 -10.92 2.99 -32.40
CA ARG A 616 -11.30 4.36 -32.08
C ARG A 616 -10.18 5.36 -32.26
N ARG A 617 -8.96 4.91 -32.54
CA ARG A 617 -7.80 5.80 -32.70
C ARG A 617 -6.98 5.38 -33.91
N ASN A 618 -7.63 5.19 -35.06
CA ASN A 618 -6.97 4.66 -36.24
C ASN A 618 -6.10 5.74 -36.89
N TYR A 619 -4.93 5.96 -36.29
CA TYR A 619 -3.99 6.93 -36.84
C TYR A 619 -3.46 6.50 -38.19
N LYS A 620 -3.14 5.22 -38.34
CA LYS A 620 -2.36 4.76 -39.49
C LYS A 620 -3.14 4.92 -40.79
N ASP A 621 -4.40 4.47 -40.81
CA ASP A 621 -5.17 4.51 -42.05
C ASP A 621 -5.54 5.94 -42.44
N ASN A 622 -5.42 6.89 -41.51
CA ASN A 622 -5.81 8.26 -41.79
C ASN A 622 -4.61 9.17 -42.06
N GLY A 623 -3.41 8.78 -41.64
CA GLY A 623 -2.25 9.60 -41.92
C GLY A 623 -1.84 10.54 -40.82
N VAL A 624 -2.22 10.25 -39.58
CA VAL A 624 -1.69 11.03 -38.46
C VAL A 624 -0.30 10.51 -38.12
N VAL A 625 0.65 11.43 -38.04
CA VAL A 625 2.05 11.09 -37.85
C VAL A 625 2.48 11.63 -36.49
N LEU A 626 2.88 10.75 -35.59
CA LEU A 626 3.40 11.18 -34.30
C LEU A 626 4.91 11.38 -34.44
N THR A 627 5.36 12.63 -34.34
CA THR A 627 6.75 12.98 -34.58
C THR A 627 7.41 13.35 -33.26
N VAL A 628 8.27 12.46 -32.76
CA VAL A 628 8.92 12.63 -31.47
C VAL A 628 10.33 13.15 -31.69
N LYS A 629 10.72 14.13 -30.88
CA LYS A 629 12.09 14.62 -30.86
C LYS A 629 12.52 14.78 -29.42
N TYR A 630 13.74 14.33 -29.12
CA TYR A 630 14.31 14.42 -27.79
C TYR A 630 15.28 15.59 -27.76
N LEU A 631 15.01 16.55 -26.88
CA LEU A 631 15.67 17.86 -26.91
C LEU A 631 16.85 17.88 -25.96
N ASN A 632 18.04 18.11 -26.48
CA ASN A 632 19.20 18.35 -25.66
C ASN A 632 19.30 19.82 -25.31
N SER A 633 19.95 20.10 -24.19
CA SER A 633 20.23 21.48 -23.84
C SER A 633 21.33 22.02 -24.74
N ARG A 634 21.12 23.20 -25.31
CA ARG A 634 22.12 23.88 -26.13
C ARG A 634 22.48 25.20 -25.45
N ASP A 635 23.77 25.42 -25.25
CA ASP A 635 24.21 26.68 -24.64
C ASP A 635 24.27 27.81 -25.67
N ALA A 636 24.65 27.51 -26.91
CA ALA A 636 24.75 28.55 -27.93
C ALA A 636 23.38 29.15 -28.24
N PHE A 637 22.36 28.30 -28.35
CA PHE A 637 20.99 28.75 -28.62
C PHE A 637 20.51 29.73 -27.56
N LEU A 638 20.62 29.33 -26.29
CA LEU A 638 20.15 30.19 -25.20
C LEU A 638 21.03 31.42 -25.05
N ASP A 639 22.33 31.28 -25.30
CA ASP A 639 23.22 32.44 -25.21
C ASP A 639 22.85 33.49 -26.25
N ALA A 640 22.57 33.07 -27.48
CA ALA A 640 22.14 34.02 -28.49
C ALA A 640 20.81 34.67 -28.11
N LEU A 641 19.86 33.87 -27.61
CA LEU A 641 18.58 34.44 -27.23
C LEU A 641 18.74 35.45 -26.10
N LEU A 642 19.61 35.16 -25.13
CA LEU A 642 19.81 36.06 -24.00
C LEU A 642 20.51 37.34 -24.46
N GLU A 643 21.56 37.21 -25.27
CA GLU A 643 22.27 38.39 -25.75
C GLU A 643 21.42 39.24 -26.69
N GLU A 644 20.35 38.69 -27.25
CA GLU A 644 19.39 39.52 -27.97
C GLU A 644 18.28 40.06 -27.08
N TYR A 645 18.03 39.41 -25.94
CA TYR A 645 17.05 39.93 -24.98
C TYR A 645 17.48 41.27 -24.40
N LYS A 646 18.74 41.38 -23.98
CA LYS A 646 19.28 42.60 -23.39
C LYS A 646 20.62 42.88 -24.05
N PRO A 647 20.61 43.53 -25.22
CA PRO A 647 21.84 43.61 -26.04
C PRO A 647 22.99 44.32 -25.35
N GLU A 648 22.71 45.31 -24.51
CA GLU A 648 23.74 46.18 -23.96
C GLU A 648 24.51 45.53 -22.81
N ALA A 649 24.02 44.41 -22.27
CA ALA A 649 24.74 43.71 -21.22
C ALA A 649 25.99 43.05 -21.78
N ARG A 650 27.00 42.90 -20.92
CA ARG A 650 28.31 42.47 -21.38
C ARG A 650 28.52 40.96 -21.35
N SER A 651 27.55 40.20 -20.85
CA SER A 651 27.66 38.74 -20.84
C SER A 651 26.31 38.14 -20.52
N SER A 652 26.09 36.91 -21.02
CA SER A 652 24.84 36.21 -20.74
C SER A 652 24.71 35.85 -19.26
N HIS A 653 25.82 35.48 -18.62
CA HIS A 653 25.80 35.20 -17.19
C HIS A 653 25.38 36.44 -16.41
N PHE A 654 25.80 37.62 -16.87
CA PHE A 654 25.35 38.85 -16.24
C PHE A 654 23.84 39.02 -16.40
N ILE A 655 23.31 38.68 -17.57
CA ILE A 655 21.87 38.80 -17.79
C ILE A 655 21.12 37.88 -16.82
N LEU A 656 21.57 36.63 -16.70
CA LEU A 656 20.90 35.70 -15.80
C LEU A 656 21.03 36.14 -14.34
N ASN A 657 22.19 36.70 -13.96
CA ASN A 657 22.40 37.07 -12.56
C ASN A 657 21.57 38.29 -12.18
N HIS A 658 21.57 39.31 -13.04
CA HIS A 658 20.93 40.59 -12.71
C HIS A 658 19.46 40.63 -13.08
N TYR A 659 19.13 40.32 -14.33
CA TYR A 659 17.77 40.51 -14.82
C TYR A 659 16.86 39.34 -14.46
N LEU A 660 17.17 38.15 -14.94
CA LEU A 660 16.30 37.01 -14.64
C LEU A 660 16.30 36.63 -13.17
N GLY A 661 17.29 37.10 -12.42
CA GLY A 661 17.31 36.84 -11.00
C GLY A 661 17.85 35.49 -10.60
N ILE A 662 18.48 34.77 -11.51
CA ILE A 662 19.02 33.45 -11.20
C ILE A 662 20.38 33.61 -10.54
N ALA A 663 20.51 33.10 -9.32
CA ALA A 663 21.80 33.11 -8.65
C ALA A 663 22.76 32.15 -9.36
N GLU A 664 24.04 32.27 -9.04
CA GLU A 664 25.05 31.47 -9.72
C GLU A 664 24.90 29.99 -9.42
N SER A 665 24.30 29.63 -8.28
CA SER A 665 24.18 28.22 -7.93
C SER A 665 23.13 27.52 -8.76
N GLU A 666 21.96 28.14 -8.96
CA GLU A 666 20.90 27.54 -9.74
C GLU A 666 20.97 27.89 -11.22
N GLN A 667 21.99 28.64 -11.63
CA GLN A 667 22.06 29.11 -13.00
C GLN A 667 22.37 27.97 -13.96
N ALA A 668 23.19 27.01 -13.54
CA ALA A 668 23.53 25.90 -14.43
C ALA A 668 22.36 24.96 -14.63
N PHE A 669 21.38 24.99 -13.71
CA PHE A 669 20.18 24.17 -13.86
C PHE A 669 19.11 24.90 -14.66
N VAL A 670 18.93 26.19 -14.37
CA VAL A 670 17.96 26.99 -15.10
C VAL A 670 18.35 27.07 -16.56
N ARG A 671 19.63 27.23 -16.86
CA ARG A 671 20.06 27.24 -18.25
C ARG A 671 19.62 25.97 -18.96
N SER A 672 19.82 24.81 -18.33
CA SER A 672 19.50 23.54 -18.99
C SER A 672 18.03 23.41 -19.27
N TRP A 673 17.19 23.58 -18.23
CA TRP A 673 15.77 23.32 -18.47
C TRP A 673 15.13 24.42 -19.31
N LEU A 674 15.58 25.67 -19.15
CA LEU A 674 15.09 26.76 -19.98
C LEU A 674 15.48 26.55 -21.43
N SER A 675 16.70 26.07 -21.69
CA SER A 675 17.13 25.89 -23.06
C SER A 675 16.35 24.78 -23.74
N LYS A 676 16.10 23.68 -23.04
CA LYS A 676 15.26 22.65 -23.63
C LYS A 676 13.85 23.14 -23.91
N LEU A 677 13.26 23.86 -22.95
CA LEU A 677 11.89 24.36 -23.13
C LEU A 677 11.80 25.31 -24.32
N LEU A 678 12.76 26.23 -24.43
CA LEU A 678 12.72 27.20 -25.52
C LEU A 678 12.98 26.51 -26.86
N ALA A 679 13.80 25.47 -26.88
CA ALA A 679 13.95 24.70 -28.11
C ALA A 679 12.61 24.09 -28.53
N SER A 680 11.85 23.57 -27.57
CA SER A 680 10.55 23.01 -27.89
C SER A 680 9.60 24.07 -28.43
N ILE A 681 9.57 25.24 -27.79
CA ILE A 681 8.67 26.30 -28.24
C ILE A 681 9.03 26.77 -29.64
N LYS A 682 10.33 26.92 -29.92
CA LYS A 682 10.76 27.31 -31.25
C LYS A 682 10.35 26.28 -32.29
N ALA A 683 10.52 24.99 -31.96
CA ALA A 683 10.17 23.95 -32.92
C ALA A 683 8.67 23.86 -33.11
N PHE A 684 7.89 24.32 -32.12
CA PHE A 684 6.44 24.33 -32.25
C PHE A 684 5.98 25.48 -33.12
N ILE A 685 6.45 26.70 -32.82
CA ILE A 685 5.99 27.88 -33.56
C ILE A 685 6.35 27.77 -35.03
N SER A 686 7.52 27.21 -35.33
CA SER A 686 7.91 27.01 -36.72
C SER A 686 7.08 25.95 -37.41
N SER A 687 6.39 25.10 -36.66
CA SER A 687 5.53 24.10 -37.27
C SER A 687 4.32 24.77 -37.90
N PRO A 688 4.09 24.58 -39.21
CA PRO A 688 3.13 25.44 -39.91
C PRO A 688 1.71 25.38 -39.38
N ASP A 689 1.13 24.18 -39.24
CA ASP A 689 -0.29 24.09 -38.96
C ASP A 689 -0.66 23.52 -37.60
N ASN A 690 0.29 23.10 -36.78
CA ASN A 690 -0.02 22.78 -35.40
C ASN A 690 -0.50 24.04 -34.69
N ARG A 691 -1.38 23.88 -33.71
CA ARG A 691 -2.12 25.01 -33.19
C ARG A 691 -2.16 25.12 -31.68
N TYR A 692 -1.98 24.02 -30.94
CA TYR A 692 -2.17 24.09 -29.49
C TYR A 692 -1.16 23.20 -28.78
N MET A 693 -0.31 23.82 -27.97
CA MET A 693 0.80 23.20 -27.27
C MET A 693 0.56 23.17 -25.77
N LEU A 694 1.06 22.13 -25.11
CA LEU A 694 1.08 22.07 -23.66
C LEU A 694 2.49 21.78 -23.18
N SER A 695 3.04 22.66 -22.35
CA SER A 695 4.35 22.48 -21.74
C SER A 695 4.16 21.93 -20.34
N LEU A 696 4.69 20.74 -20.09
CA LEU A 696 4.54 20.07 -18.81
C LEU A 696 5.88 20.11 -18.08
N LEU A 697 6.08 21.16 -17.29
CA LEU A 697 7.25 21.31 -16.45
C LEU A 697 7.00 20.65 -15.11
N ASN A 698 7.91 20.89 -14.17
CA ASN A 698 7.71 20.45 -12.81
C ASN A 698 7.41 21.62 -11.88
N ARG A 699 7.46 22.83 -12.41
CA ARG A 699 7.33 24.05 -11.62
C ARG A 699 6.41 25.01 -12.34
N THR A 700 5.57 25.70 -11.58
CA THR A 700 4.68 26.69 -12.17
C THR A 700 5.43 27.99 -12.40
N LEU A 701 5.37 28.48 -13.63
CA LEU A 701 6.00 29.75 -14.00
C LEU A 701 5.09 30.91 -13.62
N ASP A 702 4.75 30.98 -12.33
CA ASP A 702 3.89 32.04 -11.84
C ASP A 702 4.70 33.29 -11.50
N THR A 703 4.06 34.22 -10.80
CA THR A 703 4.67 35.52 -10.53
C THR A 703 6.01 35.40 -9.81
N THR A 704 6.24 34.30 -9.08
CA THR A 704 7.53 34.09 -8.42
C THR A 704 8.66 33.97 -9.42
N ARG A 705 8.35 33.61 -10.67
CA ARG A 705 9.33 33.49 -11.74
C ARG A 705 9.01 34.43 -12.89
N GLN A 706 8.74 35.70 -12.60
CA GLN A 706 8.23 36.62 -13.61
C GLN A 706 9.31 37.06 -14.58
N ASN A 707 10.57 37.07 -14.17
CA ASN A 707 11.62 37.46 -15.10
C ASN A 707 11.89 36.38 -16.13
N ILE A 708 11.86 35.12 -15.71
CA ILE A 708 11.91 34.01 -16.66
C ILE A 708 10.72 34.07 -17.61
N ASN A 709 9.55 34.43 -17.09
CA ASN A 709 8.38 34.56 -17.95
C ASN A 709 8.56 35.69 -18.95
N ASP A 710 9.16 36.79 -18.52
CA ASP A 710 9.42 37.89 -19.45
C ASP A 710 10.35 37.44 -20.56
N PHE A 711 11.41 36.69 -20.21
CA PHE A 711 12.32 36.20 -21.25
C PHE A 711 11.63 35.23 -22.19
N ILE A 712 10.85 34.29 -21.66
CA ILE A 712 10.16 33.31 -22.50
C ILE A 712 9.17 34.00 -23.42
N GLN A 713 8.42 34.97 -22.90
CA GLN A 713 7.46 35.69 -23.73
C GLN A 713 8.17 36.53 -24.79
N PHE A 714 9.32 37.09 -24.44
CA PHE A 714 10.12 37.81 -25.43
C PHE A 714 10.52 36.89 -26.58
N CYS A 715 11.00 35.69 -26.25
CA CYS A 715 11.38 34.74 -27.30
C CYS A 715 10.17 34.29 -28.11
N CYS A 716 9.03 34.06 -27.46
CA CYS A 716 7.83 33.65 -28.18
C CYS A 716 7.37 34.73 -29.15
N ASP A 717 7.43 36.01 -28.73
CA ASP A 717 7.10 37.10 -29.63
C ASP A 717 8.10 37.19 -30.77
N LYS A 718 9.39 37.00 -30.47
CA LYS A 718 10.42 36.95 -31.50
C LYS A 718 10.08 35.94 -32.58
N TRP A 719 9.78 34.71 -32.17
CA TRP A 719 9.52 33.65 -33.15
C TRP A 719 8.17 33.81 -33.81
N ALA A 720 7.21 34.42 -33.12
CA ALA A 720 5.91 34.69 -33.75
C ALA A 720 6.06 35.68 -34.88
N LYS A 721 6.87 36.72 -34.67
CA LYS A 721 7.15 37.65 -35.76
C LYS A 721 7.97 36.98 -36.85
N GLU A 722 8.95 36.17 -36.47
CA GLU A 722 9.86 35.57 -37.45
C GLU A 722 9.12 34.62 -38.40
N PHE A 723 8.21 33.82 -37.87
CA PHE A 723 7.56 32.79 -38.66
C PHE A 723 6.16 33.18 -39.13
N ASN A 724 5.72 34.40 -38.83
CA ASN A 724 4.49 34.97 -39.38
C ASN A 724 3.25 34.20 -38.89
N VAL A 725 3.21 33.93 -37.60
CA VAL A 725 2.00 33.48 -36.91
C VAL A 725 1.89 34.25 -35.61
N LYS A 726 0.68 34.33 -35.07
CA LYS A 726 0.46 35.00 -33.81
C LYS A 726 0.22 33.97 -32.72
N THR A 727 1.04 34.02 -31.67
CA THR A 727 1.01 33.01 -30.63
C THR A 727 0.64 33.64 -29.29
N LYS A 728 -0.32 33.04 -28.61
CA LYS A 728 -0.72 33.45 -27.27
C LYS A 728 -0.12 32.49 -26.26
N THR A 729 0.51 33.02 -25.22
CA THR A 729 1.10 32.21 -24.16
C THR A 729 0.26 32.33 -22.89
N PHE A 730 0.10 31.21 -22.20
CA PHE A 730 -0.65 31.15 -20.95
C PHE A 730 0.31 30.72 -19.85
N PHE A 731 1.01 31.67 -19.25
CA PHE A 731 1.94 31.36 -18.18
C PHE A 731 1.20 31.02 -16.89
N GLY A 732 1.78 30.10 -16.13
CA GLY A 732 1.18 29.67 -14.89
C GLY A 732 -0.25 29.19 -15.02
N VAL A 733 -0.48 28.16 -15.82
CA VAL A 733 -1.79 27.52 -15.87
C VAL A 733 -1.85 26.60 -14.66
N ASN A 734 -2.31 27.16 -13.54
CA ASN A 734 -2.13 26.57 -12.23
C ASN A 734 -3.43 25.87 -11.82
N ALA A 735 -3.44 25.32 -10.60
CA ALA A 735 -4.70 24.85 -10.04
C ALA A 735 -5.57 26.02 -9.60
N ASP A 736 -4.97 26.98 -8.90
CA ASP A 736 -5.68 28.22 -8.59
C ASP A 736 -6.15 28.93 -9.86
N TRP A 737 -5.33 28.89 -10.91
CA TRP A 737 -5.72 29.48 -12.17
C TRP A 737 -6.95 28.77 -12.73
N MET A 738 -6.87 27.44 -12.86
CA MET A 738 -7.98 26.70 -13.44
C MET A 738 -9.23 26.74 -12.58
N ARG A 739 -9.12 27.15 -11.31
CA ARG A 739 -10.33 27.43 -10.54
C ARG A 739 -10.81 28.86 -10.76
N LEU A 740 -9.95 29.84 -10.47
CA LEU A 740 -10.33 31.24 -10.64
C LEU A 740 -10.66 31.57 -12.09
N VAL A 741 -9.80 31.14 -13.03
CA VAL A 741 -10.02 31.42 -14.45
C VAL A 741 -10.13 30.09 -15.18
N GLY A 742 -11.28 29.85 -15.81
CA GLY A 742 -11.53 28.53 -16.35
C GLY A 742 -10.55 28.15 -17.44
N TYR A 743 -10.30 26.85 -17.57
CA TYR A 743 -9.53 26.35 -18.69
C TYR A 743 -10.22 26.62 -20.02
N ASP A 744 -11.51 26.95 -19.99
CA ASP A 744 -12.20 27.28 -21.22
C ASP A 744 -11.74 28.61 -21.81
N GLU A 745 -10.92 29.37 -21.07
CA GLU A 745 -10.31 30.57 -21.66
C GLU A 745 -9.31 30.20 -22.75
N ILE A 746 -8.65 29.05 -22.60
CA ILE A 746 -7.81 28.54 -23.66
C ILE A 746 -8.66 28.03 -24.82
N SER A 747 -9.70 27.26 -24.52
CA SER A 747 -10.58 26.73 -25.55
C SER A 747 -11.29 27.85 -26.29
N LYS A 748 -11.72 28.88 -25.55
CA LYS A 748 -12.37 30.02 -26.19
C LYS A 748 -11.41 30.73 -27.13
N HIS A 749 -10.16 30.94 -26.71
CA HIS A 749 -9.19 31.58 -27.58
C HIS A 749 -8.95 30.76 -28.84
N LEU A 750 -8.82 29.45 -28.68
CA LEU A 750 -8.55 28.61 -29.84
C LEU A 750 -9.76 28.53 -30.76
N ASN A 751 -10.96 28.62 -30.21
CA ASN A 751 -12.17 28.58 -31.02
C ASN A 751 -12.42 29.89 -31.76
N THR A 752 -12.01 31.03 -31.19
CA THR A 752 -12.38 32.32 -31.75
C THR A 752 -11.28 33.08 -32.48
N GLU A 753 -10.01 32.86 -32.16
CA GLU A 753 -8.93 33.67 -32.69
C GLU A 753 -7.91 32.80 -33.42
N LEU A 754 -7.38 33.32 -34.52
CA LEU A 754 -6.36 32.61 -35.27
C LEU A 754 -5.04 32.57 -34.51
N GLY A 755 -4.16 31.68 -34.95
CA GLY A 755 -2.82 31.58 -34.42
C GLY A 755 -2.57 30.29 -33.66
N LYS A 756 -1.65 30.37 -32.71
CA LYS A 756 -1.25 29.24 -31.89
C LYS A 756 -1.42 29.59 -30.41
N VAL A 757 -1.31 28.57 -29.58
CA VAL A 757 -1.43 28.72 -28.14
C VAL A 757 -0.34 27.90 -27.46
N VAL A 758 0.37 28.52 -26.53
CA VAL A 758 1.36 27.84 -25.70
C VAL A 758 0.86 27.89 -24.26
N VAL A 759 0.80 26.74 -23.62
CA VAL A 759 0.25 26.60 -22.28
C VAL A 759 1.33 26.04 -21.38
N PHE A 760 1.60 26.73 -20.27
CA PHE A 760 2.67 26.33 -19.36
C PHE A 760 2.07 25.77 -18.09
N SER A 761 2.04 24.45 -18.00
CA SER A 761 1.46 23.76 -16.85
C SER A 761 2.54 22.89 -16.22
N THR A 762 2.13 22.06 -15.26
CA THR A 762 3.05 21.15 -14.59
C THR A 762 2.43 19.76 -14.55
N TYR A 763 3.16 18.82 -13.98
CA TYR A 763 2.65 17.45 -13.87
C TYR A 763 1.57 17.36 -12.81
N ALA A 764 1.72 18.10 -11.71
CA ALA A 764 0.71 18.08 -10.67
C ALA A 764 -0.51 18.89 -11.05
N SER A 765 -0.30 20.00 -11.78
CA SER A 765 -1.42 20.87 -12.12
C SER A 765 -2.40 20.17 -13.05
N MET A 766 -1.90 19.44 -14.04
CA MET A 766 -2.78 18.72 -14.96
C MET A 766 -3.15 17.35 -14.44
N GLY A 767 -3.84 17.31 -13.31
CA GLY A 767 -4.28 16.05 -12.74
C GLY A 767 -5.40 15.44 -13.55
N ALA A 768 -5.93 14.33 -13.03
CA ALA A 768 -6.99 13.61 -13.73
C ALA A 768 -8.29 14.38 -13.65
N GLY A 769 -9.08 14.30 -14.73
CA GLY A 769 -10.35 15.00 -14.80
C GLY A 769 -10.24 16.41 -15.33
N LYS A 770 -9.04 16.95 -15.46
CA LYS A 770 -8.83 18.29 -16.00
C LYS A 770 -8.69 18.17 -17.52
N ASN A 771 -9.83 18.19 -18.19
CA ASN A 771 -9.90 17.88 -19.61
C ASN A 771 -9.34 19.05 -20.42
N PRO A 772 -8.36 18.80 -21.31
CA PRO A 772 -7.75 19.91 -22.06
C PRO A 772 -8.27 20.18 -23.46
N ASP A 773 -9.22 19.41 -23.99
CA ASP A 773 -9.59 19.58 -25.38
C ASP A 773 -10.41 20.85 -25.58
N TYR A 774 -10.41 21.34 -26.83
CA TYR A 774 -11.11 22.56 -27.19
C TYR A 774 -12.13 22.26 -28.28
N ALA A 775 -12.95 23.25 -28.59
CA ALA A 775 -14.07 23.09 -29.53
C ALA A 775 -13.66 23.58 -30.91
N VAL A 776 -13.65 22.67 -31.89
CA VAL A 776 -13.14 22.98 -33.22
C VAL A 776 -14.02 24.01 -33.90
N ASN A 777 -13.37 24.94 -34.61
CA ASN A 777 -14.03 25.84 -35.56
C ASN A 777 -13.29 25.66 -36.88
N LEU A 778 -13.98 25.15 -37.90
CA LEU A 778 -13.31 24.83 -39.15
C LEU A 778 -12.78 26.07 -39.85
N ALA A 779 -13.24 27.26 -39.47
CA ALA A 779 -12.72 28.47 -40.08
C ALA A 779 -11.26 28.70 -39.74
N LEU A 780 -10.82 28.23 -38.58
CA LEU A 780 -9.49 28.53 -38.09
C LEU A 780 -8.53 27.34 -38.17
N GLU A 781 -9.05 26.13 -38.34
CA GLU A 781 -8.20 24.95 -38.40
C GLU A 781 -7.64 24.68 -39.78
N GLY A 782 -8.34 25.09 -40.83
CA GLY A 782 -7.84 24.75 -42.14
C GLY A 782 -8.13 23.31 -42.48
N GLU A 783 -7.23 22.73 -43.26
CA GLU A 783 -7.34 21.34 -43.69
C GLU A 783 -6.51 20.40 -42.82
N SER A 784 -5.98 20.88 -41.70
CA SER A 784 -5.03 20.10 -40.92
C SER A 784 -5.69 19.07 -40.03
N LEU A 785 -6.99 19.17 -39.77
CA LEU A 785 -7.65 18.22 -38.87
C LEU A 785 -8.27 17.07 -39.67
N ILE A 786 -8.06 15.86 -39.17
CA ILE A 786 -8.69 14.66 -39.73
C ILE A 786 -9.23 13.81 -38.59
N SER A 787 -10.20 12.96 -38.90
CA SER A 787 -10.90 12.15 -37.92
C SER A 787 -10.39 10.72 -37.97
N VAL A 788 -9.99 10.19 -36.82
CA VAL A 788 -9.34 8.89 -36.73
C VAL A 788 -10.26 7.83 -36.14
N ALA A 789 -11.57 8.03 -36.19
CA ALA A 789 -12.53 7.09 -35.64
C ALA A 789 -13.41 6.53 -36.74
N ASP A 790 -13.74 5.25 -36.62
CA ASP A 790 -14.60 4.60 -37.62
C ASP A 790 -16.05 5.03 -37.48
N VAL A 791 -16.58 5.12 -36.27
CA VAL A 791 -17.94 5.55 -36.00
C VAL A 791 -17.90 6.59 -34.90
N THR A 792 -18.52 7.75 -35.15
CA THR A 792 -18.47 8.88 -34.23
C THR A 792 -19.80 8.94 -33.48
N TYR A 793 -19.72 9.09 -32.15
CA TYR A 793 -20.89 9.10 -31.30
C TYR A 793 -21.56 10.46 -31.19
N SER A 794 -20.92 11.52 -31.68
CA SER A 794 -21.47 12.86 -31.55
C SER A 794 -21.22 13.65 -32.82
N THR A 795 -22.15 14.54 -33.14
CA THR A 795 -21.97 15.49 -34.23
C THR A 795 -21.02 16.62 -33.85
N GLN A 796 -20.88 16.90 -32.55
CA GLN A 796 -19.98 17.93 -32.07
C GLN A 796 -18.55 17.65 -32.51
N LEU A 797 -17.83 18.70 -32.88
CA LEU A 797 -16.42 18.60 -33.24
C LEU A 797 -15.58 19.19 -32.13
N ARG A 798 -14.59 18.43 -31.66
CA ARG A 798 -13.62 18.91 -30.69
C ARG A 798 -12.25 18.37 -31.06
N SER A 799 -11.21 19.05 -30.59
CA SER A 799 -9.84 18.60 -30.76
C SER A 799 -9.07 18.97 -29.50
N ASP A 800 -7.83 18.52 -29.43
CA ASP A 800 -7.04 18.57 -28.21
C ASP A 800 -5.59 18.92 -28.51
N ILE A 801 -4.73 18.72 -27.49
CA ILE A 801 -3.31 18.99 -27.60
C ILE A 801 -2.78 18.41 -28.89
N ASP A 802 -1.97 19.17 -29.61
CA ASP A 802 -1.23 18.63 -30.74
C ASP A 802 0.24 19.03 -30.75
N SER A 803 0.78 19.39 -29.60
CA SER A 803 2.20 19.56 -29.38
C SER A 803 2.41 19.55 -27.89
N ILE A 804 3.48 18.91 -27.43
CA ILE A 804 3.70 18.80 -26.01
C ILE A 804 5.19 18.78 -25.73
N TYR A 805 5.58 19.37 -24.60
CA TYR A 805 6.93 19.26 -24.08
C TYR A 805 6.86 18.56 -22.74
N LEU A 806 7.67 17.53 -22.57
CA LEU A 806 7.62 16.67 -21.40
C LEU A 806 8.94 16.75 -20.65
N GLU A 807 9.02 17.65 -19.68
CA GLU A 807 10.20 17.73 -18.84
C GLU A 807 10.24 16.55 -17.89
N LYS A 808 11.45 16.15 -17.52
CA LYS A 808 11.63 14.98 -16.68
C LYS A 808 11.00 15.20 -15.31
N PRO A 809 10.22 14.24 -14.79
CA PRO A 809 9.67 14.40 -13.44
C PRO A 809 10.77 14.34 -12.39
N THR A 810 10.77 15.32 -11.49
CA THR A 810 11.85 15.42 -10.52
C THR A 810 11.48 14.90 -9.14
N GLN A 811 10.48 15.50 -8.50
CA GLN A 811 10.28 15.24 -7.09
C GLN A 811 9.40 14.01 -6.88
N LEU A 812 9.95 12.82 -7.06
CA LEU A 812 9.12 11.61 -7.11
C LEU A 812 8.95 10.92 -5.77
N LEU A 813 9.85 11.12 -4.82
CA LEU A 813 9.60 10.65 -3.46
C LEU A 813 8.45 11.46 -2.88
N LEU A 814 7.30 10.81 -2.69
CA LEU A 814 6.17 11.53 -2.14
C LEU A 814 6.39 11.80 -0.65
N SER A 815 5.91 12.97 -0.22
CA SER A 815 6.09 13.44 1.14
C SER A 815 4.78 14.03 1.63
N ASP A 816 4.70 14.26 2.95
CA ASP A 816 3.50 14.75 3.60
C ASP A 816 3.84 16.03 4.35
N ASP A 817 3.11 17.09 4.07
CA ASP A 817 3.27 18.37 4.75
C ASP A 817 2.23 18.60 5.83
N TYR A 818 1.46 17.58 6.19
CA TYR A 818 0.47 17.72 7.25
C TYR A 818 1.14 18.03 8.58
N SER A 819 2.27 17.40 8.86
CA SER A 819 3.01 17.68 10.08
C SER A 819 4.42 17.14 9.91
N HIS A 820 5.25 17.37 10.92
CA HIS A 820 6.59 16.79 10.91
C HIS A 820 6.55 15.32 11.27
N THR A 821 5.66 14.93 12.19
CA THR A 821 5.54 13.52 12.54
C THR A 821 4.69 12.76 11.54
N ALA A 822 4.11 13.48 10.57
CA ALA A 822 3.41 12.80 9.48
C ALA A 822 4.30 12.67 8.26
N ASN A 823 5.35 13.50 8.18
CA ASN A 823 6.35 13.34 7.13
C ASN A 823 7.29 12.19 7.43
N GLN A 824 7.66 12.04 8.70
CA GLN A 824 8.55 10.95 9.08
C GLN A 824 7.91 9.60 8.77
N LEU A 825 6.63 9.45 9.10
CA LEU A 825 5.95 8.19 8.86
C LEU A 825 5.83 7.90 7.38
N CYS A 826 5.57 8.92 6.57
CA CYS A 826 5.54 8.73 5.12
C CYS A 826 6.89 8.29 4.58
N GLN A 827 7.97 8.95 5.01
CA GLN A 827 9.30 8.62 4.51
C GLN A 827 9.72 7.22 4.92
N PHE A 828 9.45 6.85 6.17
CA PHE A 828 9.81 5.50 6.62
C PHE A 828 8.93 4.45 5.96
N HIS A 829 7.66 4.78 5.70
CA HIS A 829 6.83 3.87 4.93
C HIS A 829 7.43 3.61 3.56
N GLN A 830 7.93 4.64 2.90
CA GLN A 830 8.49 4.45 1.57
C GLN A 830 9.77 3.65 1.62
N ILE A 831 10.64 3.90 2.59
CA ILE A 831 11.86 3.11 2.71
C ILE A 831 11.53 1.64 2.97
N LEU A 832 10.57 1.37 3.85
CA LEU A 832 10.23 -0.01 4.15
C LEU A 832 9.46 -0.68 3.02
N SER A 833 8.70 0.07 2.23
CA SER A 833 8.01 -0.50 1.08
C SER A 833 8.98 -0.81 -0.04
N LEU A 834 10.09 -0.08 -0.09
CA LEU A 834 11.13 -0.44 -1.05
C LEU A 834 11.92 -1.64 -0.57
N GLN A 835 12.14 -1.77 0.74
CA GLN A 835 12.83 -2.96 1.25
C GLN A 835 11.98 -4.21 1.10
N GLU A 836 10.68 -4.09 1.36
CA GLU A 836 9.76 -5.23 1.27
C GLU A 836 9.67 -5.77 -0.15
N ASN A 837 9.57 -4.87 -1.13
CA ASN A 837 9.46 -5.26 -2.53
C ASN A 837 10.74 -5.87 -3.08
N GLY A 838 11.87 -5.67 -2.41
CA GLY A 838 13.14 -6.15 -2.93
C GLY A 838 13.95 -5.13 -3.68
N GLU A 839 13.53 -3.86 -3.67
CA GLU A 839 14.26 -2.83 -4.39
C GLU A 839 15.51 -2.39 -3.64
N LEU A 840 15.50 -2.47 -2.32
CA LEU A 840 16.63 -2.11 -1.49
C LEU A 840 17.08 -3.32 -0.68
N SER A 841 18.38 -3.55 -0.65
CA SER A 841 18.91 -4.57 0.23
C SER A 841 18.70 -4.14 1.67
N PRO A 842 18.75 -5.07 2.62
CA PRO A 842 18.65 -4.66 4.03
C PRO A 842 19.73 -3.67 4.45
N LYS A 843 20.91 -3.77 3.86
CA LYS A 843 21.96 -2.79 4.13
C LYS A 843 21.54 -1.39 3.68
N SER A 844 21.11 -1.26 2.42
CA SER A 844 20.71 0.03 1.91
C SER A 844 19.50 0.56 2.65
N ALA A 845 18.51 -0.31 2.91
CA ALA A 845 17.30 0.13 3.59
C ALA A 845 17.60 0.59 5.01
N GLU A 846 18.50 -0.10 5.71
CA GLU A 846 18.78 0.29 7.09
C GLU A 846 19.65 1.54 7.15
N ASN A 847 20.59 1.70 6.21
CA ASN A 847 21.33 2.97 6.17
C ASN A 847 20.40 4.14 5.87
N TRP A 848 19.50 3.96 4.89
CA TRP A 848 18.55 5.01 4.58
C TRP A 848 17.64 5.31 5.76
N CYS A 849 17.21 4.29 6.49
CA CYS A 849 16.36 4.51 7.66
C CYS A 849 17.09 5.26 8.75
N ARG A 850 18.33 4.87 9.06
CA ARG A 850 19.01 5.50 10.18
C ARG A 850 19.51 6.88 9.82
N GLN A 851 19.61 7.19 8.52
CA GLN A 851 19.91 8.56 8.14
C GLN A 851 18.65 9.42 8.06
N GLN A 852 17.50 8.81 7.73
CA GLN A 852 16.24 9.54 7.80
C GLN A 852 15.90 9.91 9.24
N LEU A 853 16.29 9.05 10.20
CA LEU A 853 16.13 9.42 11.60
C LEU A 853 16.96 10.66 11.95
N MET A 854 18.25 10.63 11.65
CA MET A 854 19.16 11.66 12.11
C MET A 854 18.99 12.98 11.37
N GLY A 855 17.96 13.12 10.56
CA GLY A 855 17.73 14.40 9.90
C GLY A 855 18.27 14.48 8.49
N MET A 856 17.96 13.50 7.65
CA MET A 856 18.30 13.56 6.24
C MET A 856 17.62 14.72 5.55
N SER A 857 18.31 15.32 4.59
CA SER A 857 17.72 16.36 3.76
C SER A 857 16.69 15.74 2.84
N ARG A 858 16.11 16.56 1.95
CA ARG A 858 15.30 15.98 0.89
C ARG A 858 16.13 15.69 -0.34
N GLU A 859 17.09 16.56 -0.64
CA GLU A 859 17.91 16.34 -1.81
C GLU A 859 18.79 15.11 -1.64
N ARG A 860 18.85 14.58 -0.41
CA ARG A 860 19.71 13.44 -0.13
C ARG A 860 18.90 12.17 0.11
N SER A 861 17.60 12.30 0.41
CA SER A 861 16.70 11.15 0.34
C SER A 861 16.32 10.87 -1.10
N LEU A 862 16.20 11.92 -1.88
CA LEU A 862 15.82 11.79 -3.27
C LEU A 862 16.92 11.11 -4.07
N GLN A 863 18.20 11.41 -3.76
CA GLN A 863 19.30 10.78 -4.47
C GLN A 863 19.39 9.30 -4.16
N GLN A 864 18.79 8.87 -3.06
CA GLN A 864 18.81 7.46 -2.70
C GLN A 864 17.59 6.75 -3.25
N TYR A 865 16.51 7.50 -3.45
CA TYR A 865 15.42 6.98 -4.28
C TYR A 865 15.89 6.74 -5.70
N HIS A 866 16.74 7.62 -6.23
CA HIS A 866 17.11 7.52 -7.64
C HIS A 866 17.92 6.29 -7.96
N GLN A 867 18.42 5.57 -6.96
CA GLN A 867 19.25 4.39 -7.21
C GLN A 867 18.44 3.11 -7.39
N THR A 868 17.13 3.17 -7.25
CA THR A 868 16.28 2.01 -7.46
C THR A 868 15.81 1.96 -8.91
N SER A 869 15.13 0.87 -9.26
CA SER A 869 14.42 0.80 -10.52
C SER A 869 12.95 1.17 -10.37
N ASP A 870 12.47 1.14 -9.12
CA ASP A 870 11.18 1.73 -8.79
C ASP A 870 11.09 3.16 -9.26
N TYR A 871 12.19 3.91 -9.12
CA TYR A 871 12.22 5.30 -9.56
C TYR A 871 11.88 5.40 -11.04
N GLN A 872 12.51 4.56 -11.85
CA GLN A 872 12.28 4.63 -13.28
C GLN A 872 10.89 4.16 -13.65
N SER A 873 10.36 3.16 -12.94
CA SER A 873 8.98 2.78 -13.17
C SER A 873 8.03 3.93 -12.86
N ALA A 874 8.35 4.73 -11.83
CA ALA A 874 7.54 5.89 -11.50
C ALA A 874 7.65 6.98 -12.56
N VAL A 875 8.86 7.15 -13.13
CA VAL A 875 9.02 8.14 -14.19
C VAL A 875 8.21 7.75 -15.43
N ARG A 876 8.27 6.47 -15.82
CA ARG A 876 7.44 6.05 -16.94
C ARG A 876 5.96 6.11 -16.60
N LYS A 877 5.60 5.97 -15.32
CA LYS A 877 4.20 6.16 -14.94
C LYS A 877 3.78 7.61 -15.13
N TYR A 878 4.68 8.54 -14.81
CA TYR A 878 4.36 9.97 -14.97
C TYR A 878 4.27 10.36 -16.43
N ILE A 879 5.11 9.77 -17.27
CA ILE A 879 5.11 10.11 -18.69
C ILE A 879 3.99 9.37 -19.43
N GLU A 880 3.54 8.25 -18.89
CA GLU A 880 2.47 7.50 -19.55
C GLU A 880 1.12 8.16 -19.34
N GLN A 881 0.93 8.80 -18.19
CA GLN A 881 -0.30 9.53 -17.92
C GLN A 881 -0.32 10.87 -18.64
N ALA A 882 0.83 11.54 -18.70
CA ALA A 882 0.88 12.89 -19.25
C ALA A 882 0.44 12.92 -20.70
N VAL A 883 0.92 11.97 -21.50
CA VAL A 883 0.50 11.90 -22.90
C VAL A 883 -0.83 11.18 -23.04
N GLY A 884 -1.30 10.54 -21.98
CA GLY A 884 -2.60 9.88 -22.05
C GLY A 884 -3.74 10.83 -21.78
N ARG A 885 -3.50 11.82 -20.92
CA ARG A 885 -4.53 12.83 -20.65
C ARG A 885 -4.60 13.87 -21.75
N ALA A 886 -3.68 13.84 -22.72
CA ALA A 886 -3.73 14.80 -23.80
C ALA A 886 -4.56 14.34 -24.97
N GLY A 887 -4.55 13.04 -25.28
CA GLY A 887 -5.32 12.48 -26.37
C GLY A 887 -6.72 12.04 -26.01
N ARG A 888 -7.63 13.00 -25.81
CA ARG A 888 -8.97 12.69 -25.33
C ARG A 888 -10.06 12.88 -26.38
N THR A 889 -9.72 13.14 -27.64
CA THR A 889 -10.74 13.34 -28.67
C THR A 889 -10.24 12.71 -29.96
N SER A 890 -11.17 12.40 -30.87
CA SER A 890 -10.87 11.63 -32.07
C SER A 890 -10.57 12.49 -33.28
N LEU A 891 -10.48 13.81 -33.15
CA LEU A 891 -9.91 14.67 -34.18
C LEU A 891 -8.44 14.88 -33.90
N LYS A 892 -7.60 14.45 -34.83
CA LYS A 892 -6.16 14.55 -34.71
C LYS A 892 -5.64 15.48 -35.79
N ARG A 893 -4.53 16.15 -35.51
CA ARG A 893 -3.80 16.82 -36.57
C ARG A 893 -3.20 15.78 -37.50
N LYS A 894 -2.87 16.19 -38.72
CA LYS A 894 -2.12 15.29 -39.58
C LYS A 894 -0.68 15.13 -39.13
N GLN A 895 -0.30 15.73 -38.00
CA GLN A 895 1.04 15.58 -37.43
C GLN A 895 1.00 16.05 -35.99
N ILE A 896 1.37 15.17 -35.07
CA ILE A 896 1.42 15.49 -33.65
C ILE A 896 2.88 15.55 -33.24
N LEU A 897 3.28 16.67 -32.64
CA LEU A 897 4.65 16.88 -32.21
C LEU A 897 4.77 16.55 -30.73
N LEU A 898 5.69 15.67 -30.39
CA LEU A 898 6.03 15.38 -29.01
C LEU A 898 7.49 15.72 -28.81
N PHE A 899 7.76 16.64 -27.90
CA PHE A 899 9.12 17.02 -27.55
C PHE A 899 9.42 16.51 -26.16
N VAL A 900 10.53 15.81 -26.01
CA VAL A 900 10.83 15.15 -24.75
C VAL A 900 12.17 15.65 -24.24
N ASP A 901 12.24 15.92 -22.95
CA ASP A 901 13.49 16.21 -22.29
C ASP A 901 14.46 15.06 -22.54
N SER A 902 15.70 15.39 -22.93
CA SER A 902 16.64 14.34 -23.29
C SER A 902 16.99 13.47 -22.09
N GLY A 903 16.70 13.92 -20.88
CA GLY A 903 16.93 13.09 -19.72
C GLY A 903 16.01 11.88 -19.67
N LEU A 904 14.93 11.91 -20.43
CA LEU A 904 13.98 10.80 -20.43
C LEU A 904 14.29 9.75 -21.47
N LYS A 905 15.20 10.02 -22.41
CA LYS A 905 15.50 9.04 -23.44
C LYS A 905 16.08 7.76 -22.86
N GLU A 906 17.01 7.90 -21.90
CA GLU A 906 17.63 6.73 -21.31
C GLU A 906 16.73 6.03 -20.31
N ILE A 907 15.64 6.67 -19.91
CA ILE A 907 14.68 6.07 -19.00
C ILE A 907 13.53 5.43 -19.77
N LEU A 908 13.06 6.09 -20.84
CA LEU A 908 11.99 5.53 -21.64
C LEU A 908 12.50 4.42 -22.54
N ALA A 909 13.79 4.38 -22.83
CA ALA A 909 14.32 3.34 -23.71
C ALA A 909 14.25 1.97 -23.06
N GLU A 910 14.08 1.91 -21.74
CA GLU A 910 14.09 0.66 -20.99
C GLU A 910 12.70 0.15 -20.67
N GLU A 911 11.67 0.77 -21.24
CA GLU A 911 10.32 0.23 -21.09
C GLU A 911 10.21 -1.07 -21.88
N SER A 912 10.01 -2.17 -21.16
CA SER A 912 9.98 -3.47 -21.80
C SER A 912 8.67 -4.22 -21.63
N ARG A 913 7.65 -3.62 -21.04
CA ARG A 913 6.40 -4.33 -20.82
C ARG A 913 5.67 -4.55 -22.13
N ASP A 914 4.50 -5.16 -22.03
CA ASP A 914 3.71 -5.53 -23.19
C ASP A 914 3.05 -4.30 -23.80
N PRO A 915 3.26 -4.01 -25.08
CA PRO A 915 2.71 -2.79 -25.67
C PRO A 915 1.22 -2.84 -25.95
N SER A 916 0.52 -3.84 -25.43
CA SER A 916 -0.85 -4.10 -25.88
C SER A 916 -1.82 -3.02 -25.44
N LEU A 917 -1.59 -2.40 -24.28
CA LEU A 917 -2.50 -1.39 -23.77
C LEU A 917 -1.89 0.01 -23.77
N PHE A 918 -0.66 0.17 -24.23
CA PHE A 918 -0.05 1.49 -24.31
C PHE A 918 -0.79 2.34 -25.32
N SER A 919 -0.86 3.64 -25.02
CA SER A 919 -1.45 4.57 -25.97
C SER A 919 -0.51 4.77 -27.15
N HIS A 920 -1.03 5.33 -28.24
CA HIS A 920 -0.21 5.54 -29.42
C HIS A 920 0.94 6.52 -29.14
N GLU A 921 0.68 7.57 -28.36
CA GLU A 921 1.74 8.53 -28.04
C GLU A 921 2.85 7.88 -27.24
N TYR A 922 2.51 7.05 -26.26
CA TYR A 922 3.54 6.42 -25.45
C TYR A 922 4.29 5.37 -26.24
N VAL A 923 3.62 4.66 -27.14
CA VAL A 923 4.32 3.75 -28.03
C VAL A 923 5.32 4.52 -28.89
N ALA A 924 4.91 5.69 -29.40
CA ALA A 924 5.84 6.51 -30.19
C ALA A 924 7.02 6.97 -29.36
N LEU A 925 6.79 7.43 -28.14
CA LEU A 925 7.87 7.87 -27.27
C LEU A 925 8.86 6.76 -27.03
N VAL A 926 8.36 5.56 -26.68
CA VAL A 926 9.25 4.46 -26.34
C VAL A 926 9.98 3.94 -27.57
N ASN A 927 9.30 3.90 -28.72
CA ASN A 927 9.96 3.45 -29.94
C ASN A 927 11.06 4.41 -30.37
N LYS A 928 10.84 5.72 -30.21
CA LYS A 928 11.91 6.66 -30.51
C LYS A 928 13.07 6.50 -29.54
N ALA A 929 12.76 6.30 -28.25
CA ALA A 929 13.83 6.18 -27.26
C ALA A 929 14.69 4.97 -27.53
N LYS A 930 14.07 3.85 -27.91
CA LYS A 930 14.82 2.61 -28.13
C LYS A 930 15.79 2.73 -29.29
N SER A 931 15.40 3.39 -30.38
CA SER A 931 16.17 3.35 -31.61
C SER A 931 17.57 3.92 -31.46
N ALA A 932 17.82 4.72 -30.43
CA ALA A 932 19.15 5.26 -30.18
C ALA A 932 19.58 5.03 -28.74
N GLY A 933 19.40 3.82 -28.22
CA GLY A 933 19.79 3.49 -26.87
C GLY A 933 20.94 2.49 -26.80
N SER A 935 21.10 -1.13 -25.84
CA SER A 935 21.32 -1.04 -24.40
C SER A 935 20.84 -2.30 -23.69
N ILE A 936 21.78 -3.11 -23.22
CA ILE A 936 21.47 -4.31 -22.47
C ILE A 936 20.98 -3.90 -21.08
N VAL A 937 19.67 -3.98 -20.87
CA VAL A 937 19.07 -3.52 -19.63
C VAL A 937 19.38 -4.53 -18.52
N GLU A 938 19.91 -4.02 -17.40
CA GLU A 938 20.22 -4.87 -16.26
C GLU A 938 18.93 -5.40 -15.65
N ASP A 939 18.76 -6.72 -15.68
CA ASP A 939 17.51 -7.35 -15.27
C ASP A 939 17.22 -6.99 -13.82
N ARG A 940 15.95 -6.69 -13.52
CA ARG A 940 15.56 -6.31 -12.17
C ARG A 940 15.10 -7.50 -11.34
N ALA A 941 14.54 -8.53 -11.96
CA ALA A 941 14.17 -9.72 -11.20
C ALA A 941 15.39 -10.38 -10.58
N VAL A 942 16.53 -10.33 -11.27
CA VAL A 942 17.75 -10.91 -10.74
C VAL A 942 18.20 -10.19 -9.48
N ARG A 943 18.24 -8.85 -9.52
CA ARG A 943 18.64 -8.08 -8.35
C ARG A 943 17.62 -8.22 -7.24
N ARG A 944 16.36 -8.36 -7.61
CA ARG A 944 15.30 -8.56 -6.62
C ARG A 944 15.49 -9.89 -5.90
N LEU A 945 15.93 -10.93 -6.61
CA LEU A 945 16.18 -12.20 -5.96
C LEU A 945 17.28 -12.08 -4.92
N PHE A 946 18.36 -11.37 -5.25
CA PHE A 946 19.44 -11.18 -4.27
C PHE A 946 18.93 -10.42 -3.05
N ASN A 947 18.22 -9.31 -3.28
CA ASN A 947 17.78 -8.48 -2.15
C ASN A 947 16.78 -9.23 -1.27
N LEU A 948 15.86 -9.97 -1.89
CA LEU A 948 14.87 -10.70 -1.10
C LEU A 948 15.49 -11.89 -0.39
N ALA A 949 16.50 -12.52 -0.98
CA ALA A 949 17.21 -13.57 -0.26
C ALA A 949 17.88 -13.01 0.98
N GLN A 950 18.54 -11.86 0.84
CA GLN A 950 19.17 -11.24 2.00
C GLN A 950 18.14 -10.85 3.05
N ARG A 951 16.98 -10.35 2.62
CA ARG A 951 15.98 -9.92 3.59
C ARG A 951 15.32 -11.10 4.29
N ASN A 952 15.02 -12.17 3.55
CA ASN A 952 14.48 -13.36 4.19
C ASN A 952 15.47 -13.98 5.15
N ASN A 953 16.76 -14.01 4.79
CA ASN A 953 17.75 -14.52 5.72
C ASN A 953 17.88 -13.63 6.95
N LYS A 954 17.85 -12.31 6.77
CA LYS A 954 17.93 -11.42 7.93
C LYS A 954 16.71 -11.57 8.83
N ASP A 955 15.53 -11.72 8.23
CA ASP A 955 14.31 -11.88 9.00
C ASP A 955 14.33 -13.18 9.79
N GLY A 956 14.66 -14.29 9.13
CA GLY A 956 14.81 -15.54 9.85
C GLY A 956 15.88 -15.46 10.93
N MET A 957 16.97 -14.75 10.64
CA MET A 957 18.09 -14.66 11.56
C MET A 957 17.68 -13.98 12.86
N LEU A 958 17.08 -12.79 12.75
CA LEU A 958 16.71 -12.06 13.95
C LEU A 958 15.51 -12.70 14.64
N SER A 959 14.56 -13.25 13.89
CA SER A 959 13.41 -13.88 14.53
C SER A 959 13.80 -15.15 15.27
N ILE A 960 14.74 -15.92 14.73
CA ILE A 960 15.23 -17.09 15.47
C ILE A 960 16.00 -16.67 16.70
N LYS A 961 16.83 -15.63 16.59
CA LYS A 961 17.51 -15.14 17.80
C LYS A 961 16.49 -14.79 18.88
N ALA A 962 15.47 -14.02 18.51
CA ALA A 962 14.45 -13.61 19.49
C ALA A 962 13.70 -14.80 20.05
N LEU A 963 13.29 -15.73 19.19
CA LEU A 963 12.48 -16.87 19.62
C LEU A 963 13.26 -17.79 20.54
N VAL A 964 14.54 -18.04 20.22
CA VAL A 964 15.36 -18.87 21.08
C VAL A 964 15.61 -18.19 22.41
N HIS A 965 15.78 -16.86 22.40
CA HIS A 965 15.92 -16.14 23.66
C HIS A 965 14.66 -16.25 24.50
N ARG A 966 13.49 -16.12 23.89
CA ARG A 966 12.24 -16.26 24.64
C ARG A 966 12.08 -17.66 25.20
N LEU A 967 12.41 -18.68 24.40
CA LEU A 967 12.37 -20.04 24.90
C LEU A 967 13.36 -20.25 26.05
N HIS A 968 14.44 -19.47 26.08
CA HIS A 968 15.38 -19.57 27.19
C HIS A 968 14.95 -18.81 28.43
N ASN A 969 13.95 -17.93 28.34
CA ASN A 969 13.46 -17.20 29.50
C ASN A 969 12.34 -18.02 30.13
N GLN A 970 12.70 -18.81 31.13
CA GLN A 970 11.74 -19.69 31.78
C GLN A 970 10.78 -18.87 32.64
N PRO A 971 9.49 -19.24 32.67
CA PRO A 971 8.92 -20.36 31.91
C PRO A 971 8.67 -20.04 30.44
N ALA A 972 8.75 -21.05 29.58
CA ALA A 972 8.46 -20.86 28.17
C ALA A 972 6.97 -20.98 27.91
N SER A 973 6.43 -20.07 27.11
CA SER A 973 5.01 -20.08 26.81
C SER A 973 4.67 -21.24 25.89
N LYS A 974 3.38 -21.56 25.83
CA LYS A 974 2.94 -22.60 24.89
C LYS A 974 2.98 -22.09 23.46
N SER A 975 2.76 -20.78 23.27
CA SER A 975 2.83 -20.23 21.93
C SER A 975 4.24 -20.30 21.36
N ASP A 976 5.24 -19.95 22.19
CA ASP A 976 6.63 -20.01 21.72
C ASP A 976 7.06 -21.43 21.42
N ILE A 977 6.74 -22.37 22.31
CA ILE A 977 7.12 -23.76 22.09
C ILE A 977 6.41 -24.33 20.87
N GLN A 978 5.14 -23.98 20.70
CA GLN A 978 4.41 -24.46 19.53
C GLN A 978 4.96 -23.84 18.24
N GLU A 979 5.41 -22.60 18.30
CA GLU A 979 6.04 -21.99 17.13
C GLU A 979 7.36 -22.67 16.79
N TRP A 980 8.16 -22.96 17.81
CA TRP A 980 9.41 -23.67 17.59
C TRP A 980 9.16 -25.02 16.92
N GLN A 981 8.20 -25.78 17.44
CA GLN A 981 7.92 -27.09 16.88
C GLN A 981 7.28 -26.99 15.50
N ASP A 982 6.44 -25.99 15.26
CA ASP A 982 5.87 -25.80 13.92
C ASP A 982 6.96 -25.50 12.91
N ILE A 983 7.91 -24.65 13.27
CA ILE A 983 9.00 -24.32 12.36
C ILE A 983 9.83 -25.55 12.05
N ARG A 984 10.20 -26.31 13.09
CA ARG A 984 11.04 -27.48 12.85
C ARG A 984 10.32 -28.53 12.02
N THR A 985 9.02 -28.73 12.26
CA THR A 985 8.27 -29.71 11.49
C THR A 985 8.08 -29.25 10.05
N GLN A 986 7.89 -27.95 9.82
CA GLN A 986 7.78 -27.44 8.47
C GLN A 986 9.09 -27.64 7.71
N LEU A 987 10.22 -27.37 8.36
CA LEU A 987 11.49 -27.54 7.67
C LEU A 987 11.78 -29.00 7.41
N LEU A 988 11.44 -29.88 8.34
CA LEU A 988 11.66 -31.31 8.13
C LEU A 988 10.79 -31.84 7.00
N ARG A 989 9.50 -31.48 6.98
CA ARG A 989 8.60 -32.01 5.96
C ARG A 989 8.78 -31.34 4.61
N TYR A 990 9.03 -30.04 4.58
CA TYR A 990 9.12 -29.28 3.33
C TYR A 990 10.40 -28.47 3.32
N PRO A 991 11.56 -29.11 3.14
CA PRO A 991 12.80 -28.34 3.02
C PRO A 991 12.79 -27.40 1.83
N THR A 992 12.22 -27.84 0.71
CA THR A 992 12.05 -27.02 -0.47
C THR A 992 10.61 -27.16 -0.95
N VAL A 993 9.97 -26.02 -1.23
CA VAL A 993 8.58 -26.01 -1.66
C VAL A 993 8.50 -25.46 -3.07
N ALA A 994 7.47 -25.89 -3.80
CA ALA A 994 7.28 -25.48 -5.18
C ALA A 994 6.91 -24.02 -5.32
N PHE A 995 5.96 -23.53 -4.52
CA PHE A 995 5.51 -22.15 -4.60
C PHE A 995 5.85 -21.44 -3.30
N GLN A 996 6.08 -20.14 -3.38
CA GLN A 996 6.38 -19.35 -2.19
C GLN A 996 5.23 -19.52 -1.21
N PRO A 997 5.42 -20.23 -0.12
CA PRO A 997 4.32 -20.54 0.80
C PRO A 997 3.76 -19.27 1.43
N GLU A 998 2.46 -19.25 1.65
CA GLU A 998 1.86 -18.07 2.26
C GLU A 998 2.14 -18.00 3.75
N ARG A 999 2.12 -19.14 4.43
CA ARG A 999 2.11 -19.14 5.88
C ARG A 999 3.50 -19.31 6.50
N PHE A 1000 4.45 -19.87 5.77
CA PHE A 1000 5.79 -20.02 6.30
C PHE A 1000 6.81 -19.35 5.38
N ASN A 1001 6.55 -18.12 4.93
CA ASN A 1001 7.21 -17.62 3.74
C ASN A 1001 8.65 -17.23 3.98
N ARG A 1002 8.99 -16.86 5.20
CA ARG A 1002 10.33 -16.37 5.49
C ARG A 1002 11.21 -17.40 6.15
N LEU A 1003 10.81 -18.67 6.13
CA LEU A 1003 11.74 -19.76 6.31
C LEU A 1003 12.48 -20.08 5.02
N TYR A 1004 12.02 -19.54 3.90
CA TYR A 1004 12.51 -19.87 2.58
C TYR A 1004 13.04 -18.64 1.89
N LEU A 1005 13.92 -18.86 0.92
CA LEU A 1005 14.34 -17.86 -0.03
C LEU A 1005 14.30 -18.45 -1.42
N GLN A 1006 13.88 -17.66 -2.39
CA GLN A 1006 13.76 -18.15 -3.76
C GLN A 1006 15.14 -18.23 -4.40
N SER A 1007 15.52 -19.41 -4.82
CA SER A 1007 16.86 -19.64 -5.32
C SER A 1007 16.91 -19.45 -6.83
N MET A 1008 18.12 -19.30 -7.36
CA MET A 1008 18.28 -19.27 -8.81
C MET A 1008 18.50 -20.66 -9.37
N THR A 1009 19.25 -21.50 -8.66
CA THR A 1009 19.37 -22.91 -8.99
C THR A 1009 18.39 -23.69 -8.11
N LYS A 1010 17.59 -24.54 -8.73
CA LYS A 1010 16.55 -25.25 -8.00
C LYS A 1010 17.16 -26.31 -7.10
N GLY A 1011 16.77 -26.29 -5.82
CA GLY A 1011 17.17 -27.30 -4.88
C GLY A 1011 18.43 -27.01 -4.08
N TYR A 1012 19.18 -25.97 -4.43
CA TYR A 1012 20.41 -25.65 -3.72
C TYR A 1012 20.83 -24.24 -4.09
N TYR A 1013 21.76 -23.70 -3.31
CA TYR A 1013 22.35 -22.40 -3.58
C TYR A 1013 23.61 -22.25 -2.76
N ARG A 1014 24.33 -21.17 -3.02
CA ARG A 1014 25.57 -20.87 -2.31
C ARG A 1014 25.45 -19.52 -1.60
N TYR A 1015 26.18 -19.37 -0.51
CA TYR A 1015 26.19 -18.14 0.26
C TYR A 1015 27.51 -18.02 1.01
N GLN A 1016 27.84 -16.79 1.39
CA GLN A 1016 28.84 -16.54 2.40
C GLN A 1016 28.32 -15.51 3.39
N GLY A 1017 28.43 -15.83 4.67
CA GLY A 1017 27.96 -14.95 5.71
C GLY A 1017 28.25 -15.54 7.06
N ASN A 1018 28.26 -14.70 8.09
CA ASN A 1018 28.53 -15.14 9.45
C ASN A 1018 27.19 -15.30 10.15
N LEU A 1019 26.79 -16.54 10.41
CA LEU A 1019 25.52 -16.80 11.05
C LEU A 1019 25.50 -16.34 12.50
N ASP A 1020 26.66 -16.00 13.05
CA ASP A 1020 26.75 -15.37 14.36
C ASP A 1020 27.00 -13.87 14.26
N GLY A 1021 27.12 -13.34 13.05
CA GLY A 1021 27.52 -11.95 12.84
C GLY A 1021 26.43 -11.11 12.23
N ASP A 1022 26.81 -10.33 11.22
CA ASP A 1022 25.94 -9.31 10.67
C ASP A 1022 25.02 -9.90 9.62
N PRO A 1023 23.69 -9.75 9.75
CA PRO A 1023 22.80 -10.28 8.71
C PRO A 1023 22.78 -9.45 7.45
N ASN A 1024 23.35 -8.24 7.46
CA ASN A 1024 23.39 -7.41 6.26
C ASN A 1024 24.52 -7.79 5.31
N SER A 1025 25.55 -8.44 5.82
CA SER A 1025 26.75 -8.73 5.05
C SER A 1025 26.65 -10.03 4.26
N PHE A 1026 25.51 -10.69 4.30
CA PHE A 1026 25.37 -11.96 3.59
C PHE A 1026 25.36 -11.74 2.10
N GLU A 1027 26.24 -12.45 1.42
CA GLU A 1027 26.19 -12.55 -0.03
C GLU A 1027 25.77 -13.97 -0.38
N PHE A 1028 25.40 -14.16 -1.64
CA PHE A 1028 24.44 -15.19 -2.02
C PHE A 1028 24.84 -15.72 -3.39
N PHE A 1029 23.83 -15.94 -4.22
CA PHE A 1029 23.85 -16.68 -5.50
C PHE A 1029 25.04 -16.18 -6.32
N ASP A 1030 25.29 -16.69 -7.52
CA ASP A 1030 26.59 -16.73 -8.18
C ASP A 1030 27.53 -15.57 -7.88
N ARG A 1031 27.03 -14.45 -7.37
CA ARG A 1031 27.89 -13.44 -6.76
C ARG A 1031 28.89 -14.05 -5.76
N VAL A 1032 28.62 -15.25 -5.27
CA VAL A 1032 29.58 -16.03 -4.48
C VAL A 1032 29.80 -17.36 -5.16
N PRO A 1033 30.83 -17.50 -6.01
CA PRO A 1033 31.03 -18.78 -6.70
C PRO A 1033 31.62 -19.85 -5.80
N TYR A 1034 32.36 -19.48 -4.77
CA TYR A 1034 32.93 -20.43 -3.82
C TYR A 1034 32.52 -20.01 -2.42
N GLY A 1035 31.53 -20.69 -1.86
CA GLY A 1035 31.03 -20.37 -0.54
C GLY A 1035 30.25 -21.51 0.03
N ASP A 1036 29.87 -21.36 1.29
CA ASP A 1036 29.10 -22.40 1.96
C ASP A 1036 27.84 -22.68 1.17
N MET A 1037 27.54 -23.96 1.01
CA MET A 1037 26.43 -24.36 0.15
C MET A 1037 25.29 -24.91 0.99
N VAL A 1038 24.07 -24.71 0.51
CA VAL A 1038 22.86 -25.20 1.16
C VAL A 1038 22.24 -26.23 0.24
N SER A 1039 22.53 -27.50 0.48
CA SER A 1039 22.09 -28.57 -0.40
C SER A 1039 21.80 -29.81 0.43
N GLU A 1040 21.17 -30.79 -0.22
CA GLU A 1040 20.89 -32.05 0.46
C GLU A 1040 22.17 -32.77 0.84
N GLU A 1041 23.19 -32.70 0.00
CA GLU A 1041 24.42 -33.44 0.25
C GLU A 1041 25.20 -32.89 1.44
N ASP A 1042 24.81 -31.73 1.96
CA ASP A 1042 25.50 -31.13 3.07
C ASP A 1042 24.93 -31.53 4.43
N CYS A 1043 23.63 -31.82 4.50
CA CYS A 1043 23.03 -32.32 5.72
C CYS A 1043 23.13 -33.83 5.85
N SER A 1044 23.69 -34.50 4.83
CA SER A 1044 23.80 -35.95 4.78
C SER A 1044 22.44 -36.62 4.93
N LEU A 1045 21.39 -36.02 4.37
CA LEU A 1045 20.06 -36.60 4.47
C LEU A 1045 20.00 -37.94 3.75
N ALA A 1046 20.85 -38.13 2.75
CA ALA A 1046 20.86 -39.41 2.04
C ALA A 1046 21.46 -40.51 2.90
N THR A 1047 22.48 -40.18 3.70
CA THR A 1047 23.10 -41.19 4.56
C THR A 1047 22.24 -41.49 5.78
N LEU A 1048 21.47 -40.51 6.23
CA LEU A 1048 20.67 -40.68 7.45
C LEU A 1048 19.49 -41.60 7.21
N VAL A 1049 18.77 -41.42 6.11
CA VAL A 1049 17.55 -42.17 5.85
C VAL A 1049 17.86 -43.47 5.16
N GLN A 1050 19.15 -43.81 5.04
CA GLN A 1050 19.53 -45.15 4.62
C GLN A 1050 19.59 -46.13 5.78
N ASN A 1051 19.42 -45.65 7.00
CA ASN A 1051 19.43 -46.54 8.16
C ASN A 1051 18.14 -47.37 8.17
N GLN A 1052 18.23 -48.58 8.73
CA GLN A 1052 17.08 -49.46 8.74
C GLN A 1052 15.96 -48.92 9.62
N TYR A 1053 16.31 -48.20 10.68
CA TYR A 1053 15.31 -47.67 11.60
C TYR A 1053 14.85 -46.27 11.23
N VAL A 1054 15.76 -45.42 10.73
CA VAL A 1054 15.42 -44.02 10.55
C VAL A 1054 14.44 -43.83 9.40
N ARG A 1055 14.60 -44.58 8.32
CA ARG A 1055 13.72 -44.40 7.16
C ARG A 1055 12.26 -44.69 7.48
N PRO A 1056 11.89 -45.78 8.17
CA PRO A 1056 10.48 -45.93 8.56
C PRO A 1056 9.97 -44.79 9.42
N TRP A 1057 10.80 -44.26 10.33
CA TRP A 1057 10.37 -43.14 11.17
C TRP A 1057 10.11 -41.89 10.34
N PHE A 1058 11.02 -41.58 9.41
CA PHE A 1058 10.84 -40.42 8.55
C PHE A 1058 9.63 -40.58 7.66
N GLU A 1059 9.32 -41.82 7.26
CA GLU A 1059 8.14 -42.03 6.43
C GLU A 1059 6.85 -41.91 7.25
N ARG A 1060 6.83 -42.49 8.45
CA ARG A 1060 5.65 -42.41 9.29
C ARG A 1060 5.34 -40.98 9.69
N LYS A 1061 6.36 -40.23 10.12
CA LYS A 1061 6.13 -38.85 10.52
C LYS A 1061 5.81 -37.96 9.32
N GLY A 1062 6.03 -38.45 8.11
CA GLY A 1062 5.75 -37.67 6.92
C GLY A 1062 6.85 -36.74 6.50
N PHE A 1063 8.08 -36.97 6.97
CA PHE A 1063 9.18 -36.06 6.67
C PHE A 1063 9.69 -36.27 5.25
N ALA A 1064 10.64 -35.44 4.87
CA ALA A 1064 11.21 -35.53 3.52
C ALA A 1064 12.41 -36.46 3.53
N CYS A 1065 12.31 -37.57 2.81
CA CYS A 1065 13.44 -38.47 2.67
C CYS A 1065 14.47 -37.95 1.69
N SER A 1066 14.12 -36.95 0.88
CA SER A 1066 15.05 -36.25 0.02
C SER A 1066 14.41 -34.92 -0.36
N TRP A 1067 15.26 -33.92 -0.65
CA TRP A 1067 14.76 -32.61 -1.00
C TRP A 1067 14.21 -32.62 -2.42
N GLN A 1068 13.00 -32.10 -2.60
CA GLN A 1068 12.51 -31.84 -3.93
C GLN A 1068 13.34 -30.73 -4.56
N LYS A 1069 13.58 -30.84 -5.86
CA LYS A 1069 14.38 -29.84 -6.57
C LYS A 1069 13.48 -28.68 -7.00
N GLU A 1070 13.06 -27.90 -6.01
CA GLU A 1070 12.15 -26.79 -6.23
C GLU A 1070 12.87 -25.46 -6.00
N ALA A 1071 12.23 -24.38 -6.44
CA ALA A 1071 12.89 -23.08 -6.47
C ALA A 1071 13.11 -22.52 -5.06
N ASN A 1072 12.10 -22.61 -4.21
CA ASN A 1072 12.22 -22.08 -2.85
C ASN A 1072 12.98 -23.04 -1.96
N VAL A 1073 14.10 -22.58 -1.41
CA VAL A 1073 14.94 -23.38 -0.54
C VAL A 1073 15.05 -22.65 0.79
N MET A 1074 15.44 -23.39 1.83
CA MET A 1074 15.56 -22.81 3.16
C MET A 1074 16.65 -21.75 3.16
N THR A 1075 16.51 -20.77 4.03
CA THR A 1075 17.54 -19.75 4.19
C THR A 1075 18.74 -20.39 4.88
N PRO A 1076 19.91 -19.75 4.84
CA PRO A 1076 21.08 -20.34 5.51
C PRO A 1076 20.88 -20.54 6.99
N ILE A 1077 20.16 -19.63 7.64
CA ILE A 1077 19.96 -19.72 9.09
C ILE A 1077 19.08 -20.93 9.42
N MET A 1078 18.01 -21.14 8.67
CA MET A 1078 17.15 -22.29 8.90
C MET A 1078 17.87 -23.59 8.59
N PHE A 1079 18.68 -23.60 7.53
CA PHE A 1079 19.42 -24.82 7.22
C PHE A 1079 20.41 -25.16 8.31
N THR A 1080 21.17 -24.18 8.78
CA THR A 1080 22.25 -24.48 9.71
C THR A 1080 21.76 -24.69 11.13
N ASN A 1081 21.08 -23.70 11.71
CA ASN A 1081 20.74 -23.78 13.11
C ASN A 1081 19.60 -24.75 13.40
N ILE A 1082 18.62 -24.86 12.50
CA ILE A 1082 17.40 -25.60 12.80
C ILE A 1082 17.36 -26.95 12.11
N TYR A 1083 17.57 -26.97 10.79
CA TYR A 1083 17.31 -28.17 10.01
C TYR A 1083 18.23 -29.32 10.40
N LYS A 1084 19.53 -29.05 10.46
CA LYS A 1084 20.48 -30.14 10.75
C LYS A 1084 20.25 -30.70 12.15
N GLY A 1085 19.98 -29.83 13.12
CA GLY A 1085 19.66 -30.30 14.46
C GLY A 1085 18.37 -31.10 14.49
N ALA A 1086 17.38 -30.69 13.69
CA ALA A 1086 16.15 -31.45 13.58
C ALA A 1086 16.41 -32.84 13.03
N LEU A 1087 17.24 -32.95 11.98
CA LEU A 1087 17.58 -34.25 11.44
C LEU A 1087 18.26 -35.12 12.49
N GLY A 1088 19.19 -34.55 13.24
CA GLY A 1088 19.87 -35.32 14.27
C GLY A 1088 18.92 -35.81 15.35
N GLU A 1089 18.02 -34.94 15.82
CA GLU A 1089 17.06 -35.33 16.83
C GLU A 1089 16.16 -36.45 16.34
N GLN A 1090 15.62 -36.31 15.12
CA GLN A 1090 14.73 -37.34 14.61
C GLN A 1090 15.46 -38.66 14.40
N ALA A 1091 16.70 -38.61 13.89
CA ALA A 1091 17.45 -39.84 13.68
C ALA A 1091 17.72 -40.56 15.00
N VAL A 1092 18.13 -39.83 16.03
CA VAL A 1092 18.45 -40.50 17.29
C VAL A 1092 17.18 -41.00 17.97
N GLU A 1093 16.07 -40.25 17.82
CA GLU A 1093 14.81 -40.71 18.38
C GLU A 1093 14.32 -41.97 17.67
N ALA A 1094 14.56 -42.06 16.36
CA ALA A 1094 14.20 -43.27 15.62
C ALA A 1094 15.03 -44.45 16.09
N VAL A 1095 16.35 -44.27 16.17
CA VAL A 1095 17.24 -45.39 16.49
C VAL A 1095 16.96 -45.89 17.91
N LEU A 1096 16.79 -44.98 18.86
CA LEU A 1096 16.64 -45.41 20.25
C LEU A 1096 15.27 -46.02 20.51
N THR A 1097 14.22 -45.49 19.88
CA THR A 1097 12.89 -46.01 20.11
C THR A 1097 12.78 -47.48 19.71
N ALA A 1098 13.39 -47.84 18.58
CA ALA A 1098 13.36 -49.23 18.12
C ALA A 1098 14.10 -50.15 19.07
N PHE A 1099 14.89 -49.62 19.99
CA PHE A 1099 15.52 -50.40 21.05
C PHE A 1099 14.82 -50.19 22.39
N ASP A 1100 13.49 -50.09 22.35
CA ASP A 1100 12.63 -50.12 23.53
C ASP A 1100 12.78 -48.88 24.41
N PHE A 1101 13.44 -47.84 23.90
CA PHE A 1101 13.38 -46.54 24.56
C PHE A 1101 12.07 -45.83 24.22
N THR A 1102 11.64 -44.96 25.11
CA THR A 1102 10.49 -44.10 24.89
C THR A 1102 10.90 -42.66 25.13
N PHE A 1103 10.34 -41.74 24.36
CA PHE A 1103 10.68 -40.34 24.44
C PHE A 1103 9.47 -39.51 24.80
N GLU A 1104 9.67 -38.54 25.69
CA GLU A 1104 8.59 -37.70 26.19
C GLU A 1104 9.05 -36.25 26.18
N GLU A 1105 8.08 -35.34 26.11
CA GLU A 1105 8.38 -33.92 25.98
C GLU A 1105 9.12 -33.42 27.21
N VAL A 1106 10.02 -32.47 26.99
CA VAL A 1106 10.73 -31.81 28.10
C VAL A 1106 9.73 -30.97 28.90
N PRO A 1107 9.85 -30.90 30.22
CA PRO A 1107 9.03 -29.94 30.97
C PRO A 1107 9.33 -28.51 30.54
N ASN A 1108 8.30 -27.67 30.61
CA ASN A 1108 8.45 -26.28 30.18
C ASN A 1108 9.51 -25.55 30.98
N SER A 1109 9.85 -26.04 32.17
CA SER A 1109 10.84 -25.35 33.01
C SER A 1109 12.25 -25.46 32.44
N ILE A 1110 12.54 -26.53 31.69
CA ILE A 1110 13.88 -26.70 31.13
C ILE A 1110 13.81 -26.97 29.63
N TYR A 1111 12.80 -26.42 28.96
CA TYR A 1111 12.69 -26.59 27.52
C TYR A 1111 13.86 -25.95 26.79
N GLU A 1112 14.26 -26.57 25.68
CA GLU A 1112 15.34 -26.11 24.80
C GLU A 1112 16.71 -26.25 25.46
N ARG A 1113 16.77 -26.62 26.73
CA ARG A 1113 18.04 -26.94 27.36
C ARG A 1113 18.53 -28.32 26.95
N PHE A 1114 17.60 -29.27 26.79
CA PHE A 1114 17.91 -30.58 26.27
C PHE A 1114 16.84 -30.96 25.26
N ASP A 1115 17.20 -31.86 24.35
CA ASP A 1115 16.29 -32.29 23.30
C ASP A 1115 15.01 -32.89 23.86
N ASN A 1116 15.11 -34.03 24.53
CA ASN A 1116 13.95 -34.71 25.06
C ASN A 1116 14.30 -35.36 26.38
N ARG A 1117 13.28 -35.59 27.21
CA ARG A 1117 13.37 -36.53 28.31
C ARG A 1117 13.09 -37.92 27.78
N VAL A 1118 13.97 -38.86 28.08
CA VAL A 1118 13.86 -40.22 27.57
C VAL A 1118 13.60 -41.17 28.72
N ILE A 1119 12.57 -42.01 28.56
CA ILE A 1119 12.15 -42.95 29.58
C ILE A 1119 12.36 -44.36 29.05
N PHE A 1120 13.19 -45.13 29.75
CA PHE A 1120 13.51 -46.49 29.34
C PHE A 1120 12.99 -47.46 30.39
N ALA A 1121 12.44 -48.58 29.92
CA ALA A 1121 11.83 -49.56 30.79
C ALA A 1121 12.85 -50.15 31.77
N GLY A 1122 12.48 -50.20 33.05
CA GLY A 1122 13.31 -50.80 34.07
C GLY A 1122 14.11 -49.84 34.91
N ILE A 1123 14.15 -48.56 34.57
CA ILE A 1123 14.91 -47.56 35.31
C ILE A 1123 14.00 -46.40 35.68
N GLU A 1124 13.89 -46.14 36.98
CA GLU A 1124 13.16 -44.99 37.47
C GLU A 1124 14.04 -43.75 37.64
N GLN A 1125 15.35 -43.91 37.48
CA GLN A 1125 16.25 -42.78 37.53
C GLN A 1125 16.15 -41.99 36.23
N PRO A 1126 15.77 -40.72 36.26
CA PRO A 1126 15.46 -40.01 35.02
C PRO A 1126 16.69 -39.78 34.16
N ILE A 1127 16.46 -39.59 32.86
CA ILE A 1127 17.52 -39.46 31.86
C ILE A 1127 17.19 -38.27 30.98
N TRP A 1128 18.21 -37.67 30.38
CA TRP A 1128 18.03 -36.60 29.41
C TRP A 1128 18.94 -36.83 28.21
N LEU A 1129 18.53 -36.31 27.05
CA LEU A 1129 19.23 -36.53 25.80
C LEU A 1129 19.57 -35.19 25.15
N ASP A 1130 20.79 -35.11 24.62
CA ASP A 1130 21.28 -33.93 23.90
C ASP A 1130 21.93 -34.41 22.61
N SER A 1131 21.27 -34.18 21.48
CA SER A 1131 21.67 -34.78 20.22
C SER A 1131 22.02 -33.69 19.20
N LYS A 1132 22.93 -34.01 18.29
CA LYS A 1132 23.36 -33.07 17.26
C LYS A 1132 23.17 -33.67 15.87
N SER A 1146 28.18 -27.38 31.44
CA SER A 1146 27.83 -28.13 32.64
C SER A 1146 26.78 -27.40 33.46
N SER A 1147 26.56 -26.12 33.12
CA SER A 1147 25.54 -25.34 33.83
C SER A 1147 24.15 -25.93 33.60
N LYS A 1148 23.88 -26.40 32.38
CA LYS A 1148 22.61 -27.06 32.10
C LYS A 1148 22.45 -28.31 32.94
N ILE A 1149 23.53 -29.10 33.05
CA ILE A 1149 23.50 -30.30 33.89
C ILE A 1149 23.20 -29.92 35.34
N ALA A 1150 23.87 -28.88 35.84
CA ALA A 1150 23.68 -28.45 37.22
C ALA A 1150 22.25 -28.01 37.46
N LEU A 1151 21.69 -27.23 36.54
CA LEU A 1151 20.31 -26.77 36.70
C LEU A 1151 19.32 -27.94 36.64
N VAL A 1152 19.56 -28.88 35.72
CA VAL A 1152 18.64 -30.00 35.57
C VAL A 1152 18.66 -30.89 36.81
N GLU A 1153 19.86 -31.12 37.38
CA GLU A 1153 19.93 -31.87 38.62
C GLU A 1153 19.41 -31.07 39.81
N GLU A 1154 19.47 -29.74 39.74
CA GLU A 1154 18.85 -28.92 40.76
C GLU A 1154 17.33 -29.08 40.75
N GLU A 1155 16.74 -29.21 39.55
CA GLU A 1155 15.29 -29.33 39.46
C GLU A 1155 14.80 -30.75 39.69
N PHE A 1156 15.43 -31.75 39.08
CA PHE A 1156 14.93 -33.12 39.11
C PHE A 1156 15.82 -34.11 39.87
N GLY A 1157 16.94 -33.66 40.42
CA GLY A 1157 17.80 -34.53 41.19
C GLY A 1157 18.72 -35.36 40.31
N PRO A 1158 19.02 -36.58 40.76
CA PRO A 1158 19.98 -37.42 40.03
C PRO A 1158 19.46 -37.82 38.65
N SER A 1159 20.13 -37.32 37.62
CA SER A 1159 19.84 -37.71 36.24
C SER A 1159 21.15 -37.95 35.51
N LYS A 1160 21.11 -38.86 34.55
CA LYS A 1160 22.26 -39.15 33.70
C LYS A 1160 21.95 -38.65 32.29
N PHE A 1161 22.89 -37.89 31.73
CA PHE A 1161 22.66 -37.16 30.50
C PHE A 1161 23.34 -37.90 29.36
N ILE A 1162 22.68 -37.93 28.20
CA ILE A 1162 23.17 -38.66 27.03
C ILE A 1162 23.48 -37.65 25.94
N TYR A 1163 24.73 -37.65 25.47
CA TYR A 1163 25.12 -36.87 24.30
C TYR A 1163 25.40 -37.82 23.15
N VAL A 1164 24.61 -37.71 22.09
CA VAL A 1164 24.76 -38.59 20.94
C VAL A 1164 24.77 -37.78 19.65
N ASN A 1165 25.44 -38.29 18.63
CA ASN A 1165 25.42 -37.68 17.31
C ASN A 1165 24.52 -38.49 16.38
N ALA A 1166 23.94 -37.82 15.38
CA ALA A 1166 23.16 -38.55 14.39
C ALA A 1166 24.02 -39.57 13.66
N LEU A 1167 25.19 -39.16 13.19
CA LEU A 1167 26.08 -40.05 12.47
C LEU A 1167 27.52 -39.57 12.61
N GLY A 1168 28.45 -40.48 12.33
CA GLY A 1168 29.86 -40.21 12.50
C GLY A 1168 30.65 -41.50 12.41
N ASP A 1169 31.81 -41.51 13.06
CA ASP A 1169 32.68 -42.68 13.05
C ASP A 1169 32.23 -43.64 14.14
N THR A 1170 31.69 -44.80 13.73
CA THR A 1170 31.28 -45.82 14.68
C THR A 1170 32.46 -46.54 15.32
N SER A 1171 33.65 -46.47 14.72
CA SER A 1171 34.81 -47.15 15.28
C SER A 1171 35.33 -46.45 16.53
N LYS A 1172 34.88 -45.24 16.81
CA LYS A 1172 35.35 -44.51 17.98
C LYS A 1172 34.86 -45.21 19.24
N PRO A 1173 35.68 -45.28 20.28
CA PRO A 1173 35.20 -45.85 21.54
C PRO A 1173 34.17 -44.94 22.19
N ILE A 1174 33.26 -45.57 22.94
CA ILE A 1174 32.28 -44.81 23.70
C ILE A 1174 32.95 -44.17 24.90
N ARG A 1175 32.64 -42.91 25.15
CA ARG A 1175 33.28 -42.12 26.19
C ARG A 1175 32.36 -41.98 27.38
N TYR A 1176 32.83 -42.39 28.55
CA TYR A 1176 32.10 -42.26 29.80
C TYR A 1176 32.65 -41.03 30.53
N LEU A 1177 31.77 -40.13 30.92
CA LEU A 1177 32.18 -38.84 31.44
C LEU A 1177 31.41 -38.52 32.72
N ASN A 1178 31.98 -37.65 33.54
CA ASN A 1178 31.32 -37.17 34.73
C ASN A 1178 30.54 -35.88 34.41
N SER A 1179 30.03 -35.24 35.47
CA SER A 1179 29.29 -33.99 35.29
C SER A 1179 30.18 -32.87 34.77
N CYS A 1180 31.50 -32.98 34.92
CA CYS A 1180 32.41 -31.95 34.47
C CYS A 1180 33.10 -32.28 33.15
N PHE A 1181 32.53 -33.18 32.35
CA PHE A 1181 33.10 -33.63 31.08
C PHE A 1181 34.47 -34.29 31.25
N VAL A 1182 34.71 -34.92 32.39
CA VAL A 1182 35.97 -35.58 32.66
C VAL A 1182 35.76 -37.09 32.67
N GLU A 1183 36.68 -37.81 32.05
CA GLU A 1183 36.53 -39.26 31.90
C GLU A 1183 36.51 -39.94 33.26
N THR A 1184 35.66 -40.95 33.39
CA THR A 1184 35.50 -41.67 34.65
C THR A 1184 34.88 -43.03 34.35
N SER A 1185 34.86 -43.88 35.38
CA SER A 1185 34.41 -45.25 35.23
C SER A 1185 32.90 -45.28 34.94
N PRO A 1186 32.43 -46.33 34.25
CA PRO A 1186 30.99 -46.40 33.95
C PRO A 1186 30.11 -46.37 35.20
N GLN A 1187 30.52 -47.02 36.28
CA GLN A 1187 29.76 -46.93 37.52
C GLN A 1187 29.76 -45.51 38.09
N LEU A 1188 30.79 -44.72 37.77
CA LEU A 1188 30.82 -43.32 38.17
C LEU A 1188 30.49 -42.36 37.03
N ALA A 1189 30.13 -42.89 35.85
CA ALA A 1189 29.87 -42.04 34.70
C ALA A 1189 28.49 -41.41 34.81
N LYS A 1190 28.42 -40.09 34.64
CA LYS A 1190 27.14 -39.40 34.62
C LYS A 1190 26.67 -39.13 33.19
N VAL A 1191 27.57 -38.65 32.34
CA VAL A 1191 27.23 -38.30 30.96
C VAL A 1191 27.95 -39.27 30.04
N ILE A 1192 27.18 -39.95 29.19
CA ILE A 1192 27.72 -40.88 28.21
C ILE A 1192 27.76 -40.16 26.87
N GLU A 1193 28.82 -40.38 26.11
CA GLU A 1193 29.05 -39.66 24.86
C GLU A 1193 29.18 -40.69 23.74
N ILE A 1194 28.11 -40.89 23.00
CA ILE A 1194 28.10 -41.84 21.88
C ILE A 1194 28.57 -41.07 20.65
N PRO A 1195 29.76 -41.37 20.12
CA PRO A 1195 30.25 -40.61 18.94
C PRO A 1195 29.34 -40.71 17.74
N ALA A 1196 28.70 -41.84 17.51
CA ALA A 1196 27.86 -42.00 16.33
C ALA A 1196 26.90 -43.17 16.53
N LEU A 1197 25.60 -42.88 16.52
CA LEU A 1197 24.60 -43.94 16.53
C LEU A 1197 24.43 -44.56 15.16
N ILE A 1198 24.85 -43.88 14.11
CA ILE A 1198 24.72 -44.36 12.74
C ILE A 1198 26.07 -44.20 12.06
N ASP A 1199 26.47 -45.20 11.28
CA ASP A 1199 27.78 -45.16 10.64
C ASP A 1199 27.79 -44.13 9.53
N ASP A 1200 28.79 -43.26 9.55
CA ASP A 1200 28.91 -42.20 8.55
C ASP A 1200 29.12 -42.76 7.15
N SER A 1201 29.61 -43.99 7.02
CA SER A 1201 29.97 -44.53 5.71
C SER A 1201 28.91 -45.45 5.14
N ASN A 1202 28.40 -46.39 5.93
CA ASN A 1202 27.46 -47.37 5.39
C ASN A 1202 26.10 -47.37 6.06
N ALA A 1203 25.81 -46.43 6.94
CA ALA A 1203 24.51 -46.31 7.61
C ALA A 1203 24.13 -47.58 8.37
N ASP A 1204 25.10 -48.24 8.98
CA ASP A 1204 24.78 -49.33 9.89
C ASP A 1204 24.51 -48.78 11.28
N THR A 1205 23.41 -49.24 11.89
CA THR A 1205 23.09 -48.82 13.25
C THR A 1205 24.20 -49.25 14.19
N ASN A 1206 24.64 -48.33 15.04
CA ASN A 1206 25.76 -48.59 15.95
C ASN A 1206 25.24 -49.44 17.11
N ARG A 1207 24.92 -50.69 16.78
CA ARG A 1207 24.34 -51.61 17.75
C ARG A 1207 25.25 -51.83 18.94
N THR A 1208 26.57 -51.75 18.71
CA THR A 1208 27.52 -51.89 19.81
C THR A 1208 27.32 -50.80 20.85
N ALA A 1209 27.21 -49.55 20.40
CA ALA A 1209 27.05 -48.43 21.33
C ALA A 1209 25.71 -48.48 22.03
N VAL A 1210 24.66 -48.93 21.33
CA VAL A 1210 23.34 -49.00 21.96
C VAL A 1210 23.33 -50.11 23.01
N GLN A 1211 24.00 -51.23 22.73
CA GLN A 1211 24.15 -52.28 23.73
C GLN A 1211 24.93 -51.76 24.94
N GLU A 1212 25.97 -50.98 24.68
CA GLU A 1212 26.73 -50.39 25.79
C GLU A 1212 25.87 -49.45 26.63
N LEU A 1213 25.05 -48.61 25.98
CA LEU A 1213 24.17 -47.71 26.70
C LEU A 1213 23.14 -48.49 27.53
N ILE A 1214 22.58 -49.55 26.95
CA ILE A 1214 21.61 -50.35 27.68
C ILE A 1214 22.25 -51.00 28.90
N LYS A 1215 23.46 -51.56 28.73
CA LYS A 1215 24.15 -52.18 29.85
C LYS A 1215 24.52 -51.15 30.92
N TRP A 1216 24.94 -49.96 30.48
CA TRP A 1216 25.34 -48.90 31.40
C TRP A 1216 24.14 -48.34 32.15
N LEU A 1217 22.93 -48.44 31.56
CA LEU A 1217 21.73 -48.12 32.32
C LEU A 1217 21.31 -49.27 33.22
N HIS A 1218 21.67 -50.51 32.85
CA HIS A 1218 21.46 -51.63 33.75
C HIS A 1218 22.29 -51.49 35.01
N HIS A 1219 23.52 -51.00 34.88
CA HIS A 1219 24.42 -50.76 36.00
C HIS A 1219 24.37 -49.32 36.48
N SER A 1220 23.23 -48.65 36.35
CA SER A 1220 23.10 -47.27 36.78
C SER A 1220 22.78 -47.17 38.27
#